data_7Q3A
#
_entry.id   7Q3A
#
_cell.length_a   149.960
_cell.length_b   149.960
_cell.length_c   183.380
_cell.angle_alpha   90.000
_cell.angle_beta   90.000
_cell.angle_gamma   120.000
#
_symmetry.space_group_name_H-M   'P 65 2 2'
#
loop_
_entity.id
_entity.type
_entity.pdbx_description
1 polymer 'Putative acetyltransferase, GNAT'
2 non-polymer 'NADPH DIHYDRO-NICOTINAMIDE-ADENINE-DINUCLEOTIDE PHOSPHATE'
3 non-polymer 'COENZYME A'
4 non-polymer 'ACETYL COENZYME *A'
5 non-polymer 'ACETATE ION'
6 non-polymer 'SULFATE ION'
7 non-polymer '1,4-DIHYDRONICOTINAMIDE ADENINE DINUCLEOTIDE'
8 non-polymer '4-(2-HYDROXYETHYL)-1-PIPERAZINE ETHANESULFONIC ACID'
9 water water
#
_entity_poly.entity_id   1
_entity_poly.type   'polypeptide(L)'
_entity_poly.pdbx_seq_one_letter_code
;GTSHTVPTAQASLSERVDAPDVVEIPSAGADLTWRAATKEDIPALFELWRAAGAVDHPTSLVMLDELEEEFDDDDFDPAL
DSVIAVDSLGRVVAFGSATVKSAHETVVWVALDGTVHPERRGEGIGSSVLRWQEQRGLQHLAESDECLPGWLASSAEEHA
VWTIELFHRNGYESVRWWHELERDLAQPIPDVTLPEGIRIETYGPEWSEPTRDAHNEAFRDHWGSQPEAREDWEAAHRLS
AFRADLSFVAVARDAAGQDIVVAYLLSDVNEEEWEANGYSFGFVDLLGVRRDWRGRKLAQALLTHAMRAYRHEGLQRAVL
DVDADSPTGAVALYEGLGFSLVNRSISLIKQF
;
_entity_poly.pdbx_strand_id   A,B
#
loop_
_chem_comp.id
_chem_comp.type
_chem_comp.name
_chem_comp.formula
ACO non-polymer 'ACETYL COENZYME *A' 'C23 H38 N7 O17 P3 S'
ACT non-polymer 'ACETATE ION' 'C2 H3 O2 -1'
COA non-polymer 'COENZYME A' 'C21 H36 N7 O16 P3 S'
EPE non-polymer '4-(2-HYDROXYETHYL)-1-PIPERAZINE ETHANESULFONIC ACID' 'C8 H18 N2 O4 S'
NAI non-polymer '1,4-DIHYDRONICOTINAMIDE ADENINE DINUCLEOTIDE' 'C21 H29 N7 O14 P2'
NDP non-polymer 'NADPH DIHYDRO-NICOTINAMIDE-ADENINE-DINUCLEOTIDE PHOSPHATE' 'C21 H30 N7 O17 P3'
SO4 non-polymer 'SULFATE ION' 'O4 S -2'
#
# COMPACT_ATOMS: atom_id res chain seq x y z
N ALA A 11 -38.77 -23.21 -10.60
CA ALA A 11 -38.85 -22.38 -11.81
C ALA A 11 -37.61 -21.49 -11.98
N SER A 12 -37.32 -21.12 -13.24
CA SER A 12 -36.10 -20.38 -13.53
C SER A 12 -36.21 -18.93 -13.07
N LEU A 13 -35.05 -18.34 -12.77
CA LEU A 13 -35.03 -16.92 -12.44
C LEU A 13 -35.53 -16.05 -13.59
N SER A 14 -35.26 -16.46 -14.83
CA SER A 14 -35.74 -15.68 -15.96
C SER A 14 -37.26 -15.65 -16.03
N GLU A 15 -37.93 -16.62 -15.41
CA GLU A 15 -39.38 -16.66 -15.31
C GLU A 15 -39.93 -16.05 -14.01
N ARG A 16 -39.22 -16.22 -12.89
CA ARG A 16 -39.69 -15.63 -11.64
C ARG A 16 -39.45 -14.12 -11.58
N VAL A 17 -38.41 -13.63 -12.25
CA VAL A 17 -38.04 -12.23 -12.23
C VAL A 17 -38.60 -11.56 -13.48
N ASP A 18 -39.16 -10.36 -13.31
CA ASP A 18 -39.62 -9.55 -14.43
C ASP A 18 -38.55 -8.47 -14.63
N ALA A 19 -37.52 -8.81 -15.39
CA ALA A 19 -36.38 -7.92 -15.49
C ALA A 19 -36.64 -6.88 -16.58
N PRO A 20 -36.23 -5.63 -16.36
CA PRO A 20 -36.47 -4.60 -17.36
C PRO A 20 -35.65 -4.88 -18.61
N ASP A 21 -36.23 -4.58 -19.77
CA ASP A 21 -35.46 -4.74 -21.00
C ASP A 21 -34.34 -3.72 -21.08
N VAL A 22 -34.56 -2.53 -20.53
CA VAL A 22 -33.60 -1.45 -20.56
C VAL A 22 -33.48 -0.87 -19.16
N VAL A 23 -32.26 -0.67 -18.70
CA VAL A 23 -31.96 -0.09 -17.40
C VAL A 23 -31.63 1.38 -17.62
N GLU A 24 -32.26 2.26 -16.83
CA GLU A 24 -32.07 3.70 -16.96
C GLU A 24 -30.97 4.16 -15.99
N ILE A 25 -29.93 4.79 -16.51
CA ILE A 25 -28.96 5.43 -15.62
C ILE A 25 -29.67 6.55 -14.85
N PRO A 26 -29.31 6.82 -13.60
CA PRO A 26 -30.07 7.82 -12.85
C PRO A 26 -29.99 9.17 -13.54
N SER A 27 -30.91 10.05 -13.16
CA SER A 27 -30.91 11.41 -13.66
C SER A 27 -31.09 12.46 -12.58
N ALA A 28 -31.45 12.08 -11.35
CA ALA A 28 -31.79 13.05 -10.32
C ALA A 28 -30.56 13.65 -9.66
N GLY A 29 -30.71 14.90 -9.21
CA GLY A 29 -29.60 15.71 -8.74
C GLY A 29 -29.37 16.83 -9.72
N ALA A 30 -29.82 18.05 -9.38
CA ALA A 30 -29.78 19.17 -10.32
C ALA A 30 -28.34 19.55 -10.69
N ASP A 31 -27.38 19.32 -9.79
CA ASP A 31 -25.99 19.62 -10.09
C ASP A 31 -25.20 18.37 -10.42
N LEU A 32 -25.87 17.25 -10.70
CA LEU A 32 -25.18 15.98 -10.88
C LEU A 32 -25.24 15.56 -12.34
N THR A 33 -24.15 14.98 -12.81
CA THR A 33 -24.07 14.33 -14.11
C THR A 33 -23.77 12.85 -13.85
N TRP A 34 -24.49 11.97 -14.51
CA TRP A 34 -24.34 10.54 -14.29
C TRP A 34 -23.85 9.86 -15.57
N ARG A 35 -23.03 8.81 -15.40
CA ARG A 35 -22.58 7.98 -16.51
C ARG A 35 -22.05 6.66 -15.94
N ALA A 36 -21.78 5.73 -16.84
CA ALA A 36 -21.06 4.53 -16.43
C ALA A 36 -19.63 4.91 -16.06
N ALA A 37 -19.05 4.14 -15.14
CA ALA A 37 -17.65 4.36 -14.78
C ALA A 37 -16.74 3.61 -15.75
N THR A 38 -15.45 4.02 -15.78
CA THR A 38 -14.38 3.32 -16.48
C THR A 38 -13.17 3.19 -15.56
N LYS A 39 -12.18 2.40 -16.00
CA LYS A 39 -10.96 2.24 -15.20
C LYS A 39 -10.30 3.58 -14.91
N GLU A 40 -10.43 4.55 -15.81
CA GLU A 40 -9.86 5.87 -15.58
C GLU A 40 -10.47 6.57 -14.37
N ASP A 41 -11.62 6.11 -13.89
CA ASP A 41 -12.20 6.68 -12.69
C ASP A 41 -11.59 6.11 -11.41
N ILE A 42 -10.68 5.14 -11.49
CA ILE A 42 -10.25 4.45 -10.28
C ILE A 42 -9.61 5.38 -9.25
N PRO A 43 -8.70 6.28 -9.60
CA PRO A 43 -8.15 7.16 -8.56
C PRO A 43 -9.20 8.01 -7.88
N ALA A 44 -10.15 8.61 -8.62
CA ALA A 44 -11.20 9.39 -7.96
C ALA A 44 -12.12 8.50 -7.12
N LEU A 45 -12.39 7.26 -7.57
CA LEU A 45 -13.19 6.33 -6.78
C LEU A 45 -12.50 5.92 -5.49
N PHE A 46 -11.19 5.68 -5.55
CA PHE A 46 -10.42 5.45 -4.34
C PHE A 46 -10.66 6.56 -3.31
N GLU A 47 -10.63 7.81 -3.76
CA GLU A 47 -10.81 8.92 -2.83
C GLU A 47 -12.23 8.95 -2.28
N LEU A 48 -13.23 8.68 -3.14
CA LEU A 48 -14.61 8.54 -2.69
C LEU A 48 -14.75 7.44 -1.63
N TRP A 49 -14.27 6.23 -1.94
CA TRP A 49 -14.41 5.13 -0.98
C TRP A 49 -13.73 5.45 0.35
N ARG A 50 -12.61 6.16 0.32
CA ARG A 50 -11.92 6.51 1.57
C ARG A 50 -12.73 7.55 2.35
N ALA A 51 -13.25 8.58 1.67
CA ALA A 51 -14.10 9.55 2.35
C ALA A 51 -15.32 8.89 2.97
N ALA A 52 -16.00 8.02 2.20
CA ALA A 52 -17.18 7.35 2.73
C ALA A 52 -16.82 6.39 3.86
N GLY A 53 -15.73 5.64 3.69
CA GLY A 53 -15.35 4.67 4.70
C GLY A 53 -14.96 5.29 6.02
N ALA A 54 -14.43 6.52 6.01
CA ALA A 54 -14.12 7.20 7.26
C ALA A 54 -15.37 7.31 8.12
N VAL A 55 -16.54 7.38 7.48
CA VAL A 55 -17.79 7.41 8.22
C VAL A 55 -18.38 6.01 8.37
N ASP A 56 -18.34 5.20 7.32
CA ASP A 56 -19.12 3.97 7.32
C ASP A 56 -18.37 2.77 7.87
N HIS A 57 -17.04 2.76 7.77
CA HIS A 57 -16.24 1.60 8.16
C HIS A 57 -14.79 2.03 8.35
N PRO A 58 -14.50 2.88 9.33
CA PRO A 58 -13.16 3.50 9.39
C PRO A 58 -12.05 2.49 9.65
N THR A 59 -12.34 1.35 10.28
CA THR A 59 -11.31 0.34 10.52
C THR A 59 -11.04 -0.55 9.30
N SER A 60 -11.76 -0.36 8.18
CA SER A 60 -11.49 -1.13 6.96
C SER A 60 -11.29 -0.15 5.80
N LEU A 61 -10.16 -0.29 5.10
CA LEU A 61 -9.82 0.62 4.01
C LEU A 61 -9.94 -0.08 2.67
N VAL A 62 -10.66 0.53 1.74
CA VAL A 62 -10.58 0.09 0.35
C VAL A 62 -9.18 0.40 -0.16
N MET A 63 -8.55 -0.58 -0.83
CA MET A 63 -7.19 -0.43 -1.36
C MET A 63 -7.22 -0.28 -2.87
N LEU A 64 -6.26 0.49 -3.40
CA LEU A 64 -6.27 0.78 -4.83
C LEU A 64 -6.25 -0.49 -5.66
N ASP A 65 -5.44 -1.48 -5.25
CA ASP A 65 -5.33 -2.70 -6.04
C ASP A 65 -6.59 -3.57 -5.98
N GLU A 66 -7.42 -3.40 -4.95
CA GLU A 66 -8.73 -4.05 -4.98
C GLU A 66 -9.60 -3.46 -6.08
N LEU A 67 -9.61 -2.13 -6.22
CA LEU A 67 -10.38 -1.49 -7.28
C LEU A 67 -9.84 -1.87 -8.66
N GLU A 68 -8.52 -1.95 -8.78
CA GLU A 68 -7.90 -2.35 -10.05
C GLU A 68 -8.30 -3.77 -10.43
N GLU A 69 -8.23 -4.71 -9.48
CA GLU A 69 -8.64 -6.08 -9.80
C GLU A 69 -10.12 -6.14 -10.13
N GLU A 70 -10.96 -5.38 -9.42
CA GLU A 70 -12.38 -5.36 -9.71
C GLU A 70 -12.66 -4.90 -11.15
N PHE A 71 -12.04 -3.78 -11.55
CA PHE A 71 -12.27 -3.30 -12.92
C PHE A 71 -11.68 -4.23 -13.98
N ASP A 72 -10.65 -5.01 -13.64
N ASP A 72 -10.67 -5.01 -13.62
CA ASP A 72 -10.05 -5.94 -14.58
CA ASP A 72 -10.04 -5.96 -14.55
C ASP A 72 -10.76 -7.30 -14.60
C ASP A 72 -10.76 -7.30 -14.60
N ASP A 73 -11.76 -7.52 -13.75
CA ASP A 73 -12.42 -8.81 -13.66
C ASP A 73 -13.30 -9.03 -14.89
N ASP A 74 -13.08 -10.14 -15.60
CA ASP A 74 -13.86 -10.47 -16.79
C ASP A 74 -15.35 -10.58 -16.49
N ASP A 75 -15.73 -10.86 -15.24
CA ASP A 75 -17.14 -10.93 -14.89
C ASP A 75 -17.81 -9.57 -14.80
N PHE A 76 -17.03 -8.49 -14.86
CA PHE A 76 -17.50 -7.13 -14.60
C PHE A 76 -17.41 -6.35 -15.90
N ASP A 77 -18.55 -5.86 -16.39
CA ASP A 77 -18.58 -4.99 -17.56
C ASP A 77 -18.94 -3.60 -17.09
N PRO A 78 -17.97 -2.70 -16.93
CA PRO A 78 -18.27 -1.40 -16.32
C PRO A 78 -19.24 -0.56 -17.13
N ALA A 79 -19.32 -0.78 -18.44
CA ALA A 79 -20.29 -0.07 -19.26
C ALA A 79 -21.72 -0.39 -18.83
N LEU A 80 -21.99 -1.61 -18.39
CA LEU A 80 -23.34 -2.01 -18.01
C LEU A 80 -23.51 -2.24 -16.51
N ASP A 81 -22.42 -2.39 -15.77
CA ASP A 81 -22.47 -2.83 -14.38
C ASP A 81 -22.06 -1.72 -13.40
N SER A 82 -21.89 -0.49 -13.87
CA SER A 82 -21.45 0.58 -12.97
C SER A 82 -22.10 1.90 -13.37
N VAL A 83 -22.26 2.78 -12.38
CA VAL A 83 -22.66 4.16 -12.61
C VAL A 83 -21.85 5.02 -11.65
N ILE A 84 -21.64 6.27 -12.05
CA ILE A 84 -20.88 7.21 -11.23
C ILE A 84 -21.54 8.58 -11.37
N ALA A 85 -21.54 9.35 -10.28
CA ALA A 85 -22.14 10.68 -10.30
C ALA A 85 -21.08 11.72 -10.00
N VAL A 86 -21.12 12.82 -10.75
CA VAL A 86 -20.11 13.87 -10.65
C VAL A 86 -20.83 15.19 -10.44
N ASP A 87 -20.32 16.03 -9.53
CA ASP A 87 -20.98 17.29 -9.22
C ASP A 87 -20.56 18.35 -10.24
N SER A 88 -21.00 19.61 -10.05
CA SER A 88 -20.73 20.67 -11.02
C SER A 88 -19.28 21.11 -11.01
N LEU A 89 -18.54 20.83 -9.95
CA LEU A 89 -17.11 21.09 -9.95
C LEU A 89 -16.34 19.88 -10.46
N GLY A 90 -17.03 18.86 -10.93
CA GLY A 90 -16.34 17.68 -11.41
C GLY A 90 -15.90 16.72 -10.33
N ARG A 91 -16.37 16.88 -9.10
N ARG A 91 -16.41 16.86 -9.11
CA ARG A 91 -16.03 15.96 -8.03
CA ARG A 91 -16.05 15.98 -8.01
C ARG A 91 -16.93 14.73 -8.09
C ARG A 91 -16.95 14.75 -8.03
N VAL A 92 -16.33 13.56 -7.92
CA VAL A 92 -17.11 12.32 -7.88
C VAL A 92 -17.82 12.26 -6.52
N VAL A 93 -19.14 12.09 -6.55
CA VAL A 93 -19.91 12.09 -5.30
C VAL A 93 -20.67 10.80 -5.04
N ALA A 94 -20.78 9.91 -6.02
CA ALA A 94 -21.44 8.62 -5.78
C ALA A 94 -20.98 7.62 -6.82
N PHE A 95 -21.10 6.34 -6.46
CA PHE A 95 -20.78 5.24 -7.34
C PHE A 95 -21.66 4.06 -6.93
N GLY A 96 -22.10 3.29 -7.92
CA GLY A 96 -22.72 2.01 -7.65
C GLY A 96 -22.33 1.00 -8.71
N SER A 97 -22.26 -0.26 -8.30
CA SER A 97 -22.06 -1.35 -9.26
C SER A 97 -23.01 -2.49 -8.95
N ALA A 98 -23.24 -3.34 -9.94
CA ALA A 98 -24.05 -4.54 -9.77
C ALA A 98 -23.36 -5.62 -10.57
N THR A 99 -22.81 -6.61 -9.88
N THR A 99 -22.80 -6.61 -9.88
CA THR A 99 -21.88 -7.55 -10.49
CA THR A 99 -21.84 -7.55 -10.44
C THR A 99 -22.27 -8.96 -10.10
C THR A 99 -22.25 -8.98 -10.08
N VAL A 100 -22.17 -9.86 -11.07
CA VAL A 100 -22.53 -11.26 -10.88
C VAL A 100 -21.37 -12.08 -11.44
N LYS A 101 -21.06 -13.18 -10.76
CA LYS A 101 -20.05 -14.11 -11.27
C LYS A 101 -20.65 -15.01 -12.34
N SER A 102 -19.82 -15.87 -12.94
CA SER A 102 -20.26 -16.64 -14.10
C SER A 102 -20.85 -17.99 -13.75
N ALA A 103 -20.59 -18.51 -12.56
CA ALA A 103 -21.10 -19.82 -12.16
C ALA A 103 -21.72 -19.72 -10.77
N HIS A 104 -22.76 -20.50 -10.54
CA HIS A 104 -23.53 -20.45 -9.31
C HIS A 104 -23.83 -21.85 -8.82
N GLU A 105 -23.72 -22.06 -7.51
CA GLU A 105 -23.88 -23.40 -6.94
C GLU A 105 -25.17 -23.55 -6.16
N THR A 106 -25.42 -22.71 -5.15
CA THR A 106 -26.64 -22.79 -4.37
C THR A 106 -27.48 -21.53 -4.40
N VAL A 107 -26.90 -20.41 -4.83
CA VAL A 107 -27.58 -19.13 -4.89
C VAL A 107 -26.98 -18.38 -6.07
N VAL A 108 -27.80 -17.53 -6.71
CA VAL A 108 -27.27 -16.55 -7.65
C VAL A 108 -27.07 -15.26 -6.87
N TRP A 109 -25.81 -14.95 -6.57
CA TRP A 109 -25.45 -13.81 -5.72
C TRP A 109 -25.14 -12.61 -6.61
N VAL A 110 -25.88 -11.51 -6.44
CA VAL A 110 -25.57 -10.27 -7.14
C VAL A 110 -25.06 -9.26 -6.12
N ALA A 111 -23.81 -8.83 -6.27
CA ALA A 111 -23.20 -7.90 -5.32
C ALA A 111 -23.57 -6.49 -5.74
N LEU A 112 -24.27 -5.79 -4.87
CA LEU A 112 -24.63 -4.39 -5.06
C LEU A 112 -23.70 -3.56 -4.18
N ASP A 113 -22.63 -3.04 -4.77
CA ASP A 113 -21.63 -2.28 -4.03
C ASP A 113 -21.73 -0.83 -4.47
N GLY A 114 -21.79 0.09 -3.52
CA GLY A 114 -21.70 1.49 -3.89
C GLY A 114 -21.71 2.37 -2.67
N THR A 115 -21.57 3.67 -2.91
CA THR A 115 -21.54 4.62 -1.80
C THR A 115 -21.83 6.01 -2.31
N VAL A 116 -22.14 6.89 -1.36
CA VAL A 116 -22.43 8.30 -1.59
C VAL A 116 -21.49 9.11 -0.69
N HIS A 117 -20.90 10.16 -1.25
CA HIS A 117 -19.97 10.97 -0.46
C HIS A 117 -20.69 11.45 0.79
N PRO A 118 -20.05 11.39 1.96
CA PRO A 118 -20.73 11.82 3.20
C PRO A 118 -21.33 13.22 3.14
N GLU A 119 -20.79 14.12 2.32
CA GLU A 119 -21.30 15.48 2.26
C GLU A 119 -22.54 15.60 1.37
N ARG A 120 -22.92 14.55 0.66
CA ARG A 120 -24.04 14.60 -0.28
C ARG A 120 -25.11 13.57 0.08
N ARG A 121 -25.22 13.23 1.36
CA ARG A 121 -26.21 12.27 1.79
C ARG A 121 -27.49 12.98 2.21
N GLY A 122 -28.57 12.21 2.30
CA GLY A 122 -29.86 12.76 2.65
C GLY A 122 -30.49 13.63 1.59
N GLU A 123 -30.10 13.47 0.32
CA GLU A 123 -30.77 14.18 -0.76
C GLU A 123 -31.28 13.26 -1.87
N GLY A 124 -31.42 11.97 -1.59
CA GLY A 124 -31.92 11.03 -2.58
C GLY A 124 -30.88 10.42 -3.50
N ILE A 125 -29.59 10.70 -3.28
CA ILE A 125 -28.59 10.17 -4.21
C ILE A 125 -28.40 8.68 -3.97
N GLY A 126 -28.36 8.28 -2.69
CA GLY A 126 -28.27 6.86 -2.39
C GLY A 126 -29.44 6.07 -2.96
N SER A 127 -30.66 6.63 -2.86
CA SER A 127 -31.84 5.97 -3.41
C SER A 127 -31.72 5.78 -4.91
N SER A 128 -31.24 6.82 -5.61
CA SER A 128 -31.00 6.70 -7.05
C SER A 128 -30.02 5.58 -7.37
N VAL A 129 -28.93 5.48 -6.61
CA VAL A 129 -27.92 4.47 -6.87
C VAL A 129 -28.51 3.08 -6.66
N LEU A 130 -29.15 2.87 -5.51
CA LEU A 130 -29.73 1.57 -5.20
C LEU A 130 -30.83 1.20 -6.19
N ARG A 131 -31.65 2.18 -6.59
CA ARG A 131 -32.68 1.90 -7.61
C ARG A 131 -32.05 1.40 -8.91
N TRP A 132 -30.98 2.05 -9.36
CA TRP A 132 -30.26 1.58 -10.56
C TRP A 132 -29.65 0.20 -10.33
N GLN A 133 -28.97 0.01 -9.19
CA GLN A 133 -28.35 -1.28 -8.88
C GLN A 133 -29.37 -2.40 -8.94
N GLU A 134 -30.57 -2.15 -8.42
CA GLU A 134 -31.58 -3.21 -8.38
C GLU A 134 -32.09 -3.53 -9.78
N GLN A 135 -32.28 -2.52 -10.63
CA GLN A 135 -32.71 -2.79 -12.00
C GLN A 135 -31.66 -3.64 -12.73
N ARG A 136 -30.40 -3.25 -12.66
CA ARG A 136 -29.37 -4.09 -13.30
C ARG A 136 -29.28 -5.44 -12.62
N GLY A 137 -29.43 -5.49 -11.30
CA GLY A 137 -29.42 -6.76 -10.60
C GLY A 137 -30.49 -7.71 -11.09
N LEU A 138 -31.69 -7.18 -11.34
CA LEU A 138 -32.75 -8.04 -11.87
C LEU A 138 -32.35 -8.61 -13.21
N GLN A 139 -31.65 -7.82 -14.04
CA GLN A 139 -31.17 -8.37 -15.31
C GLN A 139 -30.15 -9.48 -15.08
N HIS A 140 -29.23 -9.28 -14.13
CA HIS A 140 -28.28 -10.35 -13.82
C HIS A 140 -29.01 -11.64 -13.42
N LEU A 141 -30.04 -11.52 -12.59
CA LEU A 141 -30.78 -12.71 -12.15
C LEU A 141 -31.45 -13.40 -13.33
N ALA A 142 -32.17 -12.63 -14.15
CA ALA A 142 -32.86 -13.25 -15.27
C ALA A 142 -31.86 -13.85 -16.25
N GLU A 143 -30.73 -13.16 -16.48
CA GLU A 143 -29.74 -13.62 -17.43
C GLU A 143 -29.04 -14.89 -16.98
N SER A 144 -29.02 -15.17 -15.68
CA SER A 144 -28.32 -16.35 -15.19
C SER A 144 -29.02 -17.63 -15.64
N ASP A 145 -30.34 -17.57 -15.85
CA ASP A 145 -31.16 -18.71 -16.22
C ASP A 145 -30.93 -19.89 -15.26
N GLU A 146 -30.87 -19.60 -13.98
CA GLU A 146 -30.67 -20.63 -12.95
C GLU A 146 -31.97 -20.85 -12.20
N CYS A 147 -32.19 -22.10 -11.79
CA CYS A 147 -33.30 -22.51 -10.94
C CYS A 147 -32.90 -22.52 -9.47
N LEU A 148 -32.32 -21.43 -9.02
CA LEU A 148 -31.79 -21.29 -7.66
C LEU A 148 -32.33 -20.00 -7.09
N PRO A 149 -32.22 -19.81 -5.78
CA PRO A 149 -32.54 -18.50 -5.19
C PRO A 149 -31.69 -17.40 -5.80
N GLY A 150 -32.31 -16.24 -6.03
CA GLY A 150 -31.63 -15.04 -6.46
C GLY A 150 -31.51 -14.05 -5.34
N TRP A 151 -30.29 -13.63 -4.98
CA TRP A 151 -30.04 -12.73 -3.85
C TRP A 151 -29.34 -11.48 -4.36
N LEU A 152 -29.99 -10.33 -4.24
CA LEU A 152 -29.33 -9.06 -4.44
C LEU A 152 -28.80 -8.59 -3.08
N ALA A 153 -27.49 -8.33 -2.99
CA ALA A 153 -26.87 -8.31 -1.67
C ALA A 153 -25.90 -7.16 -1.49
N SER A 154 -25.93 -6.57 -0.29
CA SER A 154 -24.93 -5.63 0.17
C SER A 154 -24.72 -5.90 1.66
N SER A 155 -24.05 -4.98 2.35
CA SER A 155 -23.76 -5.19 3.76
C SER A 155 -23.40 -3.86 4.38
N ALA A 156 -23.37 -3.83 5.71
CA ALA A 156 -23.02 -2.60 6.41
C ALA A 156 -22.59 -2.95 7.83
N GLU A 157 -21.70 -2.13 8.38
CA GLU A 157 -21.40 -2.24 9.79
C GLU A 157 -22.63 -1.80 10.59
N GLU A 158 -22.81 -2.38 11.77
CA GLU A 158 -24.03 -2.13 12.54
C GLU A 158 -24.24 -0.65 12.87
N HIS A 159 -23.15 0.11 13.03
N HIS A 159 -23.16 0.12 13.02
CA HIS A 159 -23.26 1.52 13.35
CA HIS A 159 -23.29 1.53 13.36
C HIS A 159 -23.71 2.37 12.17
C HIS A 159 -23.63 2.40 12.16
N ALA A 160 -23.60 1.86 10.94
CA ALA A 160 -23.90 2.63 9.73
C ALA A 160 -25.40 2.61 9.44
N VAL A 161 -26.17 3.17 10.38
CA VAL A 161 -27.63 3.09 10.30
C VAL A 161 -28.13 3.77 9.04
N TRP A 162 -27.39 4.76 8.54
CA TRP A 162 -27.79 5.45 7.33
C TRP A 162 -27.84 4.49 6.14
N THR A 163 -26.86 3.59 6.04
CA THR A 163 -26.91 2.58 5.00
C THR A 163 -27.99 1.56 5.29
N ILE A 164 -28.06 1.08 6.53
CA ILE A 164 -29.04 0.04 6.87
C ILE A 164 -30.45 0.53 6.61
N GLU A 165 -30.75 1.76 7.03
CA GLU A 165 -32.09 2.29 6.87
C GLU A 165 -32.45 2.50 5.40
N LEU A 166 -31.48 2.88 4.55
CA LEU A 166 -31.78 2.97 3.11
C LEU A 166 -32.12 1.59 2.56
N PHE A 167 -31.35 0.59 2.93
CA PHE A 167 -31.62 -0.77 2.46
C PHE A 167 -32.96 -1.30 2.97
N HIS A 168 -33.26 -1.14 4.26
CA HIS A 168 -34.57 -1.55 4.76
C HIS A 168 -35.69 -0.82 4.04
N ARG A 169 -35.53 0.50 3.83
CA ARG A 169 -36.54 1.31 3.15
C ARG A 169 -36.85 0.77 1.76
N ASN A 170 -35.87 0.12 1.14
CA ASN A 170 -36.01 -0.40 -0.21
C ASN A 170 -36.34 -1.88 -0.25
N GLY A 171 -36.65 -2.47 0.90
CA GLY A 171 -37.08 -3.85 0.94
C GLY A 171 -35.99 -4.88 1.12
N TYR A 172 -34.74 -4.47 1.37
CA TYR A 172 -33.68 -5.40 1.74
C TYR A 172 -33.79 -5.72 3.23
N GLU A 173 -33.48 -6.96 3.60
CA GLU A 173 -33.61 -7.39 4.98
C GLU A 173 -32.24 -7.71 5.57
N SER A 174 -32.11 -7.52 6.88
CA SER A 174 -30.91 -7.97 7.58
C SER A 174 -31.03 -9.48 7.76
N VAL A 175 -30.24 -10.26 7.02
CA VAL A 175 -30.40 -11.71 7.03
C VAL A 175 -29.24 -12.45 7.67
N ARG A 176 -28.11 -11.79 7.93
CA ARG A 176 -27.00 -12.52 8.52
C ARG A 176 -26.13 -11.52 9.26
N TRP A 177 -25.54 -11.98 10.36
CA TRP A 177 -24.77 -11.11 11.25
C TRP A 177 -23.34 -11.62 11.34
N TRP A 178 -22.39 -10.69 11.29
CA TRP A 178 -20.97 -10.98 11.26
C TRP A 178 -20.28 -10.26 12.41
N HIS A 179 -19.38 -10.95 13.09
CA HIS A 179 -18.65 -10.38 14.22
C HIS A 179 -17.18 -10.27 13.87
N GLU A 180 -16.62 -9.07 14.01
CA GLU A 180 -15.17 -8.92 13.93
C GLU A 180 -14.63 -9.17 15.32
N LEU A 181 -13.62 -10.04 15.41
CA LEU A 181 -13.02 -10.42 16.68
C LEU A 181 -11.53 -10.15 16.66
N GLU A 182 -10.97 -9.86 17.84
CA GLU A 182 -9.54 -9.61 17.95
C GLU A 182 -8.96 -10.46 19.07
N ARG A 183 -7.67 -10.81 18.93
CA ARG A 183 -6.95 -11.61 19.91
C ARG A 183 -5.64 -10.91 20.25
N ASP A 184 -5.41 -10.68 21.54
CA ASP A 184 -4.17 -10.03 21.99
C ASP A 184 -3.04 -11.04 21.92
N LEU A 185 -2.06 -10.79 21.03
CA LEU A 185 -0.94 -11.71 20.85
C LEU A 185 0.07 -11.65 21.97
N ALA A 186 -0.04 -10.70 22.90
CA ALA A 186 0.85 -10.70 24.05
C ALA A 186 0.43 -11.71 25.13
N GLN A 187 -0.83 -12.21 25.09
CA GLN A 187 -1.27 -13.20 26.07
C GLN A 187 -0.83 -14.60 25.62
N PRO A 188 -0.65 -15.52 26.55
CA PRO A 188 -0.12 -16.84 26.20
C PRO A 188 -0.95 -17.47 25.08
N ILE A 189 -0.24 -18.10 24.14
CA ILE A 189 -0.85 -18.78 23.00
C ILE A 189 -0.76 -20.28 23.26
N PRO A 190 -1.88 -21.00 23.27
CA PRO A 190 -1.85 -22.41 23.62
C PRO A 190 -1.05 -23.22 22.60
N ASP A 191 -0.58 -24.37 23.05
CA ASP A 191 0.05 -25.35 22.19
C ASP A 191 -0.91 -26.49 21.94
N VAL A 192 -0.93 -26.95 20.70
CA VAL A 192 -1.86 -27.96 20.22
C VAL A 192 -1.01 -28.92 19.39
N THR A 193 -1.26 -30.22 19.54
CA THR A 193 -0.55 -31.20 18.74
C THR A 193 -1.40 -31.63 17.54
N LEU A 194 -0.71 -32.08 16.44
CA LEU A 194 -1.33 -32.56 15.21
C LEU A 194 -1.58 -34.06 15.34
N PRO A 195 -2.64 -34.56 14.70
CA PRO A 195 -2.75 -36.01 14.52
C PRO A 195 -1.51 -36.56 13.84
N GLU A 196 -1.28 -37.85 14.06
CA GLU A 196 -0.21 -38.52 13.35
C GLU A 196 -0.43 -38.41 11.85
N GLY A 197 0.68 -38.35 11.11
CA GLY A 197 0.64 -38.29 9.67
C GLY A 197 0.39 -36.91 9.10
N ILE A 198 0.26 -35.89 9.93
CA ILE A 198 -0.04 -34.53 9.47
C ILE A 198 1.11 -33.58 9.80
N ARG A 199 1.44 -32.70 8.85
CA ARG A 199 2.46 -31.67 9.06
C ARG A 199 1.88 -30.33 8.66
N ILE A 200 2.53 -29.27 9.13
CA ILE A 200 2.20 -27.89 8.74
C ILE A 200 3.27 -27.37 7.78
N GLU A 201 2.84 -26.73 6.70
CA GLU A 201 3.75 -26.09 5.76
C GLU A 201 3.33 -24.64 5.60
N THR A 202 4.28 -23.80 5.23
CA THR A 202 3.97 -22.44 4.83
C THR A 202 3.34 -22.44 3.44
N TYR A 203 2.28 -21.65 3.30
CA TYR A 203 1.59 -21.58 2.02
C TYR A 203 2.53 -21.06 0.94
N GLY A 204 2.30 -21.51 -0.29
CA GLY A 204 3.07 -21.07 -1.43
C GLY A 204 2.39 -21.48 -2.72
N PRO A 205 2.95 -21.07 -3.87
CA PRO A 205 2.29 -21.41 -5.15
C PRO A 205 2.01 -22.89 -5.32
N GLU A 206 2.91 -23.75 -4.85
CA GLU A 206 2.71 -25.18 -4.98
C GLU A 206 1.51 -25.69 -4.17
N TRP A 207 1.00 -24.92 -3.20
CA TRP A 207 -0.20 -25.32 -2.46
C TRP A 207 -1.46 -24.63 -2.94
N SER A 208 -1.37 -23.77 -3.96
CA SER A 208 -2.54 -22.97 -4.34
C SER A 208 -3.72 -23.86 -4.74
N GLU A 209 -3.52 -24.77 -5.71
CA GLU A 209 -4.63 -25.56 -6.21
C GLU A 209 -5.13 -26.55 -5.15
N PRO A 210 -4.24 -27.26 -4.45
CA PRO A 210 -4.71 -28.13 -3.36
C PRO A 210 -5.48 -27.38 -2.30
N THR A 211 -5.11 -26.13 -2.02
CA THR A 211 -5.83 -25.37 -1.02
C THR A 211 -7.15 -24.84 -1.54
N ARG A 212 -7.20 -24.40 -2.82
CA ARG A 212 -8.48 -24.00 -3.40
C ARG A 212 -9.46 -25.17 -3.36
N ASP A 213 -9.00 -26.37 -3.71
CA ASP A 213 -9.84 -27.55 -3.65
C ASP A 213 -10.34 -27.80 -2.23
N ALA A 214 -9.42 -27.76 -1.24
CA ALA A 214 -9.85 -27.94 0.15
C ALA A 214 -10.85 -26.86 0.56
N HIS A 215 -10.61 -25.62 0.17
CA HIS A 215 -11.49 -24.54 0.61
C HIS A 215 -12.88 -24.72 0.03
N ASN A 216 -12.95 -24.99 -1.28
CA ASN A 216 -14.25 -25.17 -1.92
C ASN A 216 -15.05 -26.31 -1.30
N GLU A 217 -14.39 -27.37 -0.84
CA GLU A 217 -15.13 -28.39 -0.09
C GLU A 217 -15.53 -27.88 1.29
N ALA A 218 -14.59 -27.29 2.02
CA ALA A 218 -14.87 -26.95 3.41
C ALA A 218 -15.98 -25.90 3.52
N PHE A 219 -15.99 -24.91 2.63
CA PHE A 219 -16.97 -23.83 2.71
C PHE A 219 -18.33 -24.18 2.12
N ARG A 220 -18.52 -25.42 1.64
CA ARG A 220 -19.88 -25.90 1.44
C ARG A 220 -20.69 -25.77 2.72
N ASP A 221 -20.01 -25.79 3.87
CA ASP A 221 -20.67 -25.70 5.17
C ASP A 221 -20.68 -24.29 5.76
N HIS A 222 -20.38 -23.27 4.96
CA HIS A 222 -20.40 -21.87 5.39
C HIS A 222 -21.57 -21.17 4.70
N TRP A 223 -22.27 -20.31 5.43
CA TRP A 223 -23.44 -19.66 4.87
C TRP A 223 -23.09 -18.85 3.63
N GLY A 224 -23.92 -18.97 2.59
CA GLY A 224 -23.81 -18.12 1.42
C GLY A 224 -22.73 -18.49 0.43
N SER A 225 -21.67 -19.16 0.89
CA SER A 225 -20.46 -19.25 0.07
C SER A 225 -20.70 -20.10 -1.16
N GLN A 226 -20.12 -19.68 -2.28
CA GLN A 226 -20.06 -20.43 -3.50
C GLN A 226 -18.61 -20.80 -3.78
N PRO A 227 -18.36 -21.88 -4.51
CA PRO A 227 -16.98 -22.28 -4.76
C PRO A 227 -16.21 -21.18 -5.49
N GLU A 228 -14.92 -21.09 -5.19
CA GLU A 228 -14.04 -20.09 -5.79
C GLU A 228 -13.43 -20.65 -7.07
N ALA A 229 -13.67 -19.96 -8.19
CA ALA A 229 -13.02 -20.31 -9.43
C ALA A 229 -11.53 -19.98 -9.37
N ARG A 230 -10.74 -20.74 -10.13
CA ARG A 230 -9.28 -20.58 -10.07
C ARG A 230 -8.85 -19.14 -10.34
N GLU A 231 -9.41 -18.52 -11.39
CA GLU A 231 -9.02 -17.15 -11.71
C GLU A 231 -9.25 -16.20 -10.55
N ASP A 232 -10.41 -16.30 -9.90
CA ASP A 232 -10.70 -15.41 -8.77
C ASP A 232 -9.80 -15.73 -7.58
N TRP A 233 -9.51 -17.02 -7.37
CA TRP A 233 -8.61 -17.42 -6.31
C TRP A 233 -7.25 -16.77 -6.52
N GLU A 234 -6.71 -16.90 -7.72
CA GLU A 234 -5.38 -16.37 -7.98
C GLU A 234 -5.37 -14.86 -7.92
N ALA A 235 -6.45 -14.21 -8.39
CA ALA A 235 -6.53 -12.76 -8.34
C ALA A 235 -6.42 -12.25 -6.90
N ALA A 236 -7.15 -12.88 -5.97
CA ALA A 236 -7.13 -12.40 -4.60
C ALA A 236 -5.73 -12.49 -4.01
N HIS A 237 -4.92 -13.41 -4.50
CA HIS A 237 -3.56 -13.57 -3.98
C HIS A 237 -2.59 -12.58 -4.59
N ARG A 238 -3.00 -11.81 -5.60
CA ARG A 238 -2.15 -10.74 -6.10
C ARG A 238 -2.25 -9.48 -5.27
N LEU A 239 -3.30 -9.33 -4.47
CA LEU A 239 -3.47 -8.15 -3.65
C LEU A 239 -2.29 -7.98 -2.71
N SER A 240 -1.82 -6.74 -2.59
CA SER A 240 -0.66 -6.47 -1.73
C SER A 240 -0.89 -6.89 -0.28
N ALA A 241 -2.13 -6.92 0.18
CA ALA A 241 -2.35 -7.27 1.57
C ALA A 241 -2.09 -8.74 1.85
N PHE A 242 -2.19 -9.61 0.83
CA PHE A 242 -2.04 -11.04 1.09
C PHE A 242 -0.61 -11.36 1.50
N ARG A 243 -0.45 -12.18 2.53
CA ARG A 243 0.87 -12.54 3.07
C ARG A 243 1.00 -14.05 3.02
N ALA A 244 1.57 -14.56 1.93
CA ALA A 244 1.77 -16.00 1.79
C ALA A 244 2.62 -16.56 2.93
N ASP A 245 3.61 -15.80 3.39
CA ASP A 245 4.47 -16.34 4.44
C ASP A 245 3.84 -16.30 5.83
N LEU A 246 2.64 -15.74 5.99
CA LEU A 246 1.88 -15.88 7.23
C LEU A 246 0.65 -16.74 7.03
N SER A 247 0.64 -17.53 5.97
CA SER A 247 -0.45 -18.44 5.64
C SER A 247 0.10 -19.85 5.71
N PHE A 248 -0.75 -20.80 6.12
CA PHE A 248 -0.24 -22.12 6.44
C PHE A 248 -1.26 -23.17 6.05
N VAL A 249 -0.76 -24.37 5.73
CA VAL A 249 -1.63 -25.50 5.43
C VAL A 249 -1.22 -26.68 6.29
N ALA A 250 -2.21 -27.49 6.65
CA ALA A 250 -1.97 -28.79 7.28
C ALA A 250 -2.12 -29.83 6.18
N VAL A 251 -1.13 -30.72 6.07
CA VAL A 251 -1.01 -31.61 4.91
C VAL A 251 -0.99 -33.03 5.41
N ALA A 252 -1.88 -33.85 4.87
CA ALA A 252 -1.96 -35.27 5.14
C ALA A 252 -1.65 -36.04 3.86
N ARG A 253 -1.59 -37.36 3.98
CA ARG A 253 -1.41 -38.25 2.84
C ARG A 253 -2.73 -38.96 2.56
N ASP A 254 -3.06 -39.08 1.27
CA ASP A 254 -4.26 -39.78 0.84
C ASP A 254 -3.97 -41.27 0.64
N GLN A 258 0.69 -39.75 -1.35
CA GLN A 258 0.08 -38.56 -1.97
C GLN A 258 -0.45 -37.49 -0.98
N ASP A 259 0.07 -36.25 -1.07
CA ASP A 259 -0.31 -35.18 -0.15
C ASP A 259 -1.66 -34.57 -0.52
N ILE A 260 -2.42 -34.18 0.50
CA ILE A 260 -3.60 -33.34 0.31
C ILE A 260 -3.69 -32.33 1.45
N VAL A 261 -4.16 -31.13 1.13
CA VAL A 261 -4.42 -30.11 2.13
C VAL A 261 -5.71 -30.46 2.85
N VAL A 262 -5.63 -30.65 4.16
CA VAL A 262 -6.81 -30.97 4.98
C VAL A 262 -7.27 -29.80 5.83
N ALA A 263 -6.46 -28.77 5.97
CA ALA A 263 -6.85 -27.57 6.68
C ALA A 263 -5.96 -26.46 6.17
N TYR A 264 -6.46 -25.23 6.22
CA TYR A 264 -5.69 -24.12 5.66
C TYR A 264 -6.09 -22.84 6.37
N LEU A 265 -5.15 -21.89 6.40
CA LEU A 265 -5.37 -20.58 7.01
C LEU A 265 -4.61 -19.57 6.17
N LEU A 266 -5.32 -18.61 5.58
CA LEU A 266 -4.70 -17.57 4.76
C LEU A 266 -4.82 -16.23 5.46
N SER A 267 -3.73 -15.44 5.41
CA SER A 267 -3.60 -14.23 6.20
C SER A 267 -3.33 -13.01 5.31
N ASP A 268 -3.79 -11.85 5.78
CA ASP A 268 -3.44 -10.54 5.21
C ASP A 268 -2.74 -9.72 6.28
N VAL A 269 -1.93 -8.76 5.82
CA VAL A 269 -1.45 -7.67 6.66
C VAL A 269 -1.65 -6.38 5.87
N ASN A 270 -2.42 -5.46 6.44
CA ASN A 270 -2.67 -4.17 5.80
C ASN A 270 -2.28 -3.11 6.83
N GLU A 271 -1.01 -2.68 6.78
CA GLU A 271 -0.51 -1.73 7.77
C GLU A 271 -1.24 -0.39 7.71
N GLU A 272 -1.87 -0.03 6.58
CA GLU A 272 -2.60 1.23 6.55
C GLU A 272 -3.83 1.21 7.46
N GLU A 273 -4.31 0.03 7.83
CA GLU A 273 -5.44 -0.11 8.76
C GLU A 273 -5.05 -0.08 10.23
N TRP A 274 -3.76 -0.14 10.54
CA TRP A 274 -3.36 -0.29 11.95
C TRP A 274 -3.82 0.90 12.80
N GLU A 275 -3.65 2.12 12.29
CA GLU A 275 -3.95 3.31 13.09
C GLU A 275 -5.41 3.32 13.53
N ALA A 276 -6.33 3.12 12.59
CA ALA A 276 -7.75 3.17 12.93
C ALA A 276 -8.16 2.00 13.81
N ASN A 277 -7.52 0.83 13.66
CA ASN A 277 -7.88 -0.31 14.51
C ASN A 277 -7.30 -0.21 15.91
N GLY A 278 -6.29 0.62 16.12
CA GLY A 278 -5.68 0.78 17.43
C GLY A 278 -4.53 -0.16 17.73
N TYR A 279 -4.08 -0.95 16.76
CA TYR A 279 -2.99 -1.89 16.97
C TYR A 279 -2.50 -2.37 15.60
N SER A 280 -1.26 -2.82 15.55
CA SER A 280 -0.83 -3.57 14.38
C SER A 280 -1.45 -4.96 14.47
N PHE A 281 -1.72 -5.57 13.32
CA PHE A 281 -2.42 -6.85 13.38
C PHE A 281 -2.29 -7.60 12.06
N GLY A 282 -2.30 -8.92 12.17
CA GLY A 282 -2.54 -9.79 11.03
C GLY A 282 -4.01 -10.19 10.98
N PHE A 283 -4.52 -10.35 9.76
CA PHE A 283 -5.94 -10.61 9.56
C PHE A 283 -6.10 -12.02 8.99
N VAL A 284 -6.85 -12.87 9.69
CA VAL A 284 -7.16 -14.23 9.23
C VAL A 284 -8.26 -14.13 8.18
N ASP A 285 -7.89 -14.24 6.91
CA ASP A 285 -8.87 -14.04 5.85
C ASP A 285 -9.67 -15.30 5.59
N LEU A 286 -9.02 -16.47 5.58
CA LEU A 286 -9.72 -17.74 5.35
C LEU A 286 -9.20 -18.79 6.32
N LEU A 287 -10.11 -19.60 6.84
CA LEU A 287 -9.74 -20.72 7.72
C LEU A 287 -10.75 -21.84 7.47
N GLY A 288 -10.26 -23.02 7.11
CA GLY A 288 -11.14 -24.13 6.80
C GLY A 288 -10.48 -25.45 7.10
N VAL A 289 -11.30 -26.45 7.42
CA VAL A 289 -10.86 -27.82 7.65
C VAL A 289 -11.81 -28.72 6.87
N ARG A 290 -11.26 -29.68 6.13
CA ARG A 290 -12.10 -30.60 5.38
C ARG A 290 -13.02 -31.36 6.33
N ARG A 291 -14.24 -31.63 5.85
CA ARG A 291 -15.27 -32.19 6.72
C ARG A 291 -14.78 -33.43 7.47
N ASP A 292 -14.15 -34.36 6.77
CA ASP A 292 -13.72 -35.62 7.37
C ASP A 292 -12.53 -35.48 8.33
N TRP A 293 -11.95 -34.29 8.47
CA TRP A 293 -10.82 -34.10 9.35
C TRP A 293 -11.13 -33.15 10.50
N ARG A 294 -12.40 -32.80 10.68
CA ARG A 294 -12.80 -31.85 11.71
C ARG A 294 -12.85 -32.53 13.07
N GLY A 295 -12.86 -31.72 14.12
CA GLY A 295 -12.90 -32.26 15.46
C GLY A 295 -11.60 -32.91 15.88
N ARG A 296 -10.48 -32.54 15.23
CA ARG A 296 -9.18 -33.08 15.58
C ARG A 296 -8.20 -31.97 15.94
N LYS A 297 -8.71 -30.76 16.19
CA LYS A 297 -7.91 -29.62 16.60
C LYS A 297 -7.08 -29.01 15.48
N LEU A 298 -7.34 -29.36 14.21
CA LEU A 298 -6.53 -28.79 13.14
C LEU A 298 -6.72 -27.28 13.00
N ALA A 299 -7.95 -26.80 13.13
CA ALA A 299 -8.16 -25.35 13.11
C ALA A 299 -7.38 -24.67 14.24
N GLN A 300 -7.45 -25.25 15.44
CA GLN A 300 -6.70 -24.67 16.55
C GLN A 300 -5.20 -24.70 16.26
N ALA A 301 -4.72 -25.82 15.70
CA ALA A 301 -3.28 -25.94 15.41
C ALA A 301 -2.84 -24.87 14.41
N LEU A 302 -3.64 -24.61 13.36
CA LEU A 302 -3.26 -23.59 12.38
C LEU A 302 -3.40 -22.18 12.95
N LEU A 303 -4.46 -21.92 13.72
CA LEU A 303 -4.65 -20.59 14.29
C LEU A 303 -3.52 -20.25 15.25
N THR A 304 -3.14 -21.19 16.12
CA THR A 304 -2.10 -20.90 17.09
C THR A 304 -0.76 -20.73 16.38
N HIS A 305 -0.52 -21.52 15.34
CA HIS A 305 0.71 -21.40 14.57
C HIS A 305 0.80 -20.04 13.89
N ALA A 306 -0.31 -19.57 13.33
CA ALA A 306 -0.36 -18.25 12.71
C ALA A 306 -0.22 -17.14 13.74
N MET A 307 -0.88 -17.28 14.88
CA MET A 307 -0.73 -16.28 15.93
C MET A 307 0.72 -16.14 16.41
N ARG A 308 1.43 -17.26 16.55
CA ARG A 308 2.86 -17.18 16.90
C ARG A 308 3.66 -16.54 15.77
N ALA A 309 3.32 -16.86 14.52
CA ALA A 309 3.99 -16.20 13.41
C ALA A 309 3.72 -14.68 13.40
N TYR A 310 2.46 -14.27 13.60
CA TYR A 310 2.18 -12.84 13.69
C TYR A 310 3.00 -12.19 14.80
N ARG A 311 3.00 -12.80 15.98
CA ARG A 311 3.71 -12.23 17.12
C ARG A 311 5.20 -12.09 16.84
N HIS A 312 5.80 -13.09 16.21
CA HIS A 312 7.23 -13.08 15.96
C HIS A 312 7.62 -11.92 15.06
N GLU A 313 6.76 -11.56 14.11
CA GLU A 313 6.99 -10.41 13.25
C GLU A 313 6.76 -9.08 13.97
N GLY A 314 6.23 -9.10 15.19
CA GLY A 314 5.98 -7.88 15.93
C GLY A 314 4.58 -7.34 15.85
N LEU A 315 3.66 -8.08 15.25
CA LEU A 315 2.28 -7.62 15.18
C LEU A 315 1.62 -7.81 16.54
N GLN A 316 0.72 -6.90 16.90
CA GLN A 316 0.15 -6.91 18.24
C GLN A 316 -1.11 -7.76 18.38
N ARG A 317 -1.90 -7.90 17.32
CA ARG A 317 -3.19 -8.57 17.39
C ARG A 317 -3.36 -9.51 16.20
N ALA A 318 -4.28 -10.46 16.35
CA ALA A 318 -4.86 -11.16 15.23
C ALA A 318 -6.31 -10.70 15.12
N VAL A 319 -6.80 -10.54 13.89
CA VAL A 319 -8.18 -10.08 13.69
C VAL A 319 -8.84 -10.98 12.67
N LEU A 320 -10.14 -11.22 12.85
CA LEU A 320 -10.89 -12.03 11.89
C LEU A 320 -12.39 -11.72 11.98
N ASP A 321 -13.13 -12.18 10.98
CA ASP A 321 -14.58 -12.10 10.95
C ASP A 321 -15.18 -13.49 11.07
N VAL A 322 -16.37 -13.58 11.67
CA VAL A 322 -17.08 -14.84 11.83
C VAL A 322 -18.58 -14.62 11.71
N ASP A 323 -19.24 -15.53 10.98
CA ASP A 323 -20.69 -15.65 11.04
C ASP A 323 -21.13 -15.85 12.49
N ALA A 324 -21.93 -14.90 13.00
CA ALA A 324 -22.39 -15.00 14.38
C ALA A 324 -23.20 -16.26 14.62
N ASP A 325 -23.79 -16.82 13.58
CA ASP A 325 -24.53 -18.07 13.67
C ASP A 325 -23.81 -19.23 12.99
N SER A 326 -22.48 -19.18 12.91
CA SER A 326 -21.68 -20.25 12.29
C SER A 326 -22.25 -21.63 12.57
N PRO A 327 -22.66 -22.37 11.53
CA PRO A 327 -23.22 -23.71 11.73
C PRO A 327 -22.19 -24.76 12.10
N THR A 328 -20.90 -24.50 11.96
CA THR A 328 -19.88 -25.45 12.37
C THR A 328 -19.15 -25.01 13.63
N GLY A 329 -19.73 -24.07 14.37
CA GLY A 329 -19.19 -23.73 15.68
C GLY A 329 -17.96 -22.85 15.66
N ALA A 330 -17.77 -22.04 14.62
CA ALA A 330 -16.57 -21.21 14.57
C ALA A 330 -16.54 -20.22 15.72
N VAL A 331 -17.70 -19.72 16.16
CA VAL A 331 -17.73 -18.77 17.26
C VAL A 331 -17.08 -19.36 18.51
N ALA A 332 -17.52 -20.56 18.92
CA ALA A 332 -16.92 -21.20 20.08
C ALA A 332 -15.45 -21.48 19.87
N LEU A 333 -15.06 -21.86 18.65
CA LEU A 333 -13.65 -22.05 18.34
C LEU A 333 -12.84 -20.79 18.65
N TYR A 334 -13.26 -19.65 18.10
CA TYR A 334 -12.49 -18.43 18.31
C TYR A 334 -12.57 -17.97 19.77
N GLU A 335 -13.75 -18.07 20.39
CA GLU A 335 -13.86 -17.67 21.79
C GLU A 335 -12.92 -18.48 22.68
N GLY A 336 -12.83 -19.80 22.46
CA GLY A 336 -11.94 -20.61 23.26
C GLY A 336 -10.48 -20.28 23.10
N LEU A 337 -10.10 -19.68 21.97
CA LEU A 337 -8.72 -19.27 21.73
C LEU A 337 -8.44 -17.82 22.12
N GLY A 338 -9.40 -17.14 22.75
CA GLY A 338 -9.19 -15.82 23.31
C GLY A 338 -9.57 -14.67 22.41
N PHE A 339 -10.24 -14.92 21.28
CA PHE A 339 -10.77 -13.82 20.48
C PHE A 339 -11.96 -13.18 21.17
N SER A 340 -12.11 -11.87 20.99
CA SER A 340 -13.22 -11.17 21.60
C SER A 340 -13.78 -10.13 20.63
N LEU A 341 -15.06 -9.81 20.83
CA LEU A 341 -15.79 -8.98 19.88
C LEU A 341 -15.22 -7.57 19.77
N VAL A 342 -15.13 -7.08 18.53
CA VAL A 342 -14.72 -5.72 18.22
C VAL A 342 -15.84 -4.93 17.57
N ASN A 343 -16.55 -5.56 16.64
CA ASN A 343 -17.46 -4.84 15.78
C ASN A 343 -18.41 -5.88 15.19
N ARG A 344 -19.56 -5.40 14.71
CA ARG A 344 -20.54 -6.27 14.08
C ARG A 344 -20.97 -5.67 12.74
N SER A 345 -21.30 -6.55 11.79
CA SER A 345 -21.77 -6.16 10.47
C SER A 345 -22.95 -7.05 10.11
N ILE A 346 -23.64 -6.66 9.03
CA ILE A 346 -24.95 -7.22 8.69
C ILE A 346 -25.02 -7.38 7.18
N SER A 347 -25.48 -8.54 6.72
CA SER A 347 -25.77 -8.75 5.31
C SER A 347 -27.19 -8.28 5.02
N LEU A 348 -27.35 -7.47 3.98
CA LEU A 348 -28.63 -6.86 3.64
C LEU A 348 -29.02 -7.40 2.27
N ILE A 349 -30.10 -8.16 2.22
CA ILE A 349 -30.39 -8.98 1.05
C ILE A 349 -31.86 -8.88 0.68
N LYS A 350 -32.14 -8.85 -0.61
CA LYS A 350 -33.50 -9.02 -1.11
C LYS A 350 -33.50 -10.26 -2.01
N GLN A 351 -34.48 -11.14 -1.79
CA GLN A 351 -34.47 -12.48 -2.37
C GLN A 351 -35.51 -12.59 -3.47
N PHE A 352 -35.16 -13.30 -4.54
CA PHE A 352 -36.07 -13.51 -5.66
C PHE A 352 -36.11 -15.00 -6.01
N SER B 12 43.49 11.20 4.37
CA SER B 12 42.55 10.09 4.54
C SER B 12 41.59 10.35 5.71
N LEU B 13 40.41 9.73 5.63
CA LEU B 13 39.41 9.93 6.67
C LEU B 13 39.83 9.27 7.98
N SER B 14 40.43 8.07 7.90
CA SER B 14 40.80 7.33 9.10
C SER B 14 41.67 8.17 10.03
N GLU B 15 42.52 9.02 9.49
CA GLU B 15 43.34 9.90 10.30
C GLU B 15 42.82 11.32 10.34
N ARG B 16 41.85 11.66 9.49
CA ARG B 16 41.26 13.00 9.53
C ARG B 16 40.20 13.11 10.62
N VAL B 17 39.41 12.07 10.83
CA VAL B 17 38.38 12.07 11.87
C VAL B 17 38.88 11.28 13.05
N ASP B 18 38.65 11.79 14.25
CA ASP B 18 38.96 11.06 15.48
C ASP B 18 37.73 10.23 15.83
N ALA B 19 37.66 9.06 15.27
CA ALA B 19 36.49 8.26 15.56
C ALA B 19 36.65 7.62 16.94
N PRO B 20 35.57 7.49 17.70
CA PRO B 20 35.68 6.87 19.02
C PRO B 20 35.88 5.39 18.89
N ASP B 21 36.65 4.84 19.83
CA ASP B 21 36.80 3.38 19.88
C ASP B 21 35.47 2.70 20.16
N VAL B 22 34.72 3.25 21.11
CA VAL B 22 33.46 2.67 21.57
C VAL B 22 32.36 3.71 21.39
N VAL B 23 31.22 3.26 20.87
CA VAL B 23 30.04 4.11 20.71
C VAL B 23 29.13 3.89 21.91
N GLU B 24 28.82 4.97 22.62
CA GLU B 24 27.95 4.93 23.79
C GLU B 24 26.48 4.93 23.37
N ILE B 25 25.75 3.87 23.68
CA ILE B 25 24.30 3.87 23.47
C ILE B 25 23.70 4.95 24.38
N PRO B 26 22.66 5.67 23.94
CA PRO B 26 22.17 6.81 24.74
C PRO B 26 21.57 6.37 26.06
N SER B 27 21.27 7.39 26.89
CA SER B 27 20.61 7.21 28.18
C SER B 27 19.63 8.34 28.49
N ALA B 28 19.19 9.10 27.49
CA ALA B 28 18.18 10.12 27.73
C ALA B 28 16.86 9.47 28.12
N GLY B 29 16.16 10.10 29.06
CA GLY B 29 14.80 9.70 29.39
C GLY B 29 14.73 8.73 30.56
N ALA B 30 14.39 9.25 31.74
CA ALA B 30 14.35 8.41 32.94
C ALA B 30 13.48 7.18 32.77
N ASP B 31 12.51 7.23 31.87
CA ASP B 31 11.58 6.13 31.65
C ASP B 31 11.88 5.38 30.35
N LEU B 32 12.98 5.68 29.67
CA LEU B 32 13.31 5.07 28.39
C LEU B 32 14.34 3.98 28.58
N THR B 33 14.17 2.90 27.82
CA THR B 33 15.17 1.86 27.68
C THR B 33 15.71 1.92 26.26
N TRP B 34 17.02 1.86 26.11
CA TRP B 34 17.65 2.00 24.80
C TRP B 34 18.35 0.70 24.46
N ARG B 35 18.34 0.35 23.17
CA ARG B 35 19.00 -0.86 22.71
C ARG B 35 19.08 -0.77 21.19
N ALA B 36 19.86 -1.66 20.60
CA ALA B 36 19.83 -1.81 19.16
C ALA B 36 18.44 -2.24 18.70
N ALA B 37 18.01 -1.76 17.54
CA ALA B 37 16.74 -2.21 17.00
C ALA B 37 16.94 -3.52 16.22
N THR B 38 15.85 -4.27 16.02
CA THR B 38 15.86 -5.46 15.20
C THR B 38 14.70 -5.41 14.22
N LYS B 39 14.67 -6.38 13.30
CA LYS B 39 13.56 -6.41 12.35
C LYS B 39 12.23 -6.66 13.05
N GLU B 40 12.26 -7.24 14.25
CA GLU B 40 11.03 -7.41 15.02
C GLU B 40 10.42 -6.06 15.42
N ASP B 41 11.20 -4.99 15.40
CA ASP B 41 10.72 -3.65 15.73
C ASP B 41 10.05 -2.94 14.57
N ILE B 42 10.01 -3.55 13.39
CA ILE B 42 9.48 -2.85 12.23
C ILE B 42 8.04 -2.38 12.41
N PRO B 43 7.09 -3.23 12.81
CA PRO B 43 5.73 -2.69 12.99
C PRO B 43 5.69 -1.49 13.93
N ALA B 44 6.39 -1.51 15.06
CA ALA B 44 6.33 -0.36 15.96
C ALA B 44 7.08 0.84 15.40
N LEU B 45 8.17 0.61 14.66
CA LEU B 45 8.85 1.72 14.01
C LEU B 45 7.97 2.39 12.97
N PHE B 46 7.22 1.61 12.20
CA PHE B 46 6.30 2.18 11.24
C PHE B 46 5.35 3.16 11.90
N GLU B 47 4.81 2.78 13.06
CA GLU B 47 3.90 3.65 13.79
C GLU B 47 4.63 4.92 14.24
N LEU B 48 5.85 4.79 14.73
CA LEU B 48 6.65 5.96 15.10
C LEU B 48 6.89 6.88 13.90
N TRP B 49 7.36 6.32 12.78
CA TRP B 49 7.63 7.18 11.62
C TRP B 49 6.37 7.88 11.11
N ARG B 50 5.21 7.22 11.21
CA ARG B 50 3.96 7.84 10.79
C ARG B 50 3.55 8.97 11.74
N ALA B 51 3.74 8.77 13.06
CA ALA B 51 3.42 9.83 14.01
C ALA B 51 4.33 11.02 13.84
N ALA B 52 5.64 10.76 13.68
CA ALA B 52 6.58 11.86 13.47
C ALA B 52 6.32 12.56 12.14
N GLY B 53 6.02 11.78 11.09
CA GLY B 53 5.84 12.34 9.77
C GLY B 53 4.61 13.22 9.66
N ALA B 54 3.56 12.92 10.44
CA ALA B 54 2.40 13.80 10.46
C ALA B 54 2.79 15.24 10.81
N VAL B 55 3.85 15.42 11.63
CA VAL B 55 4.36 16.74 11.96
C VAL B 55 5.47 17.18 11.02
N ASP B 56 6.42 16.30 10.69
CA ASP B 56 7.63 16.74 10.00
C ASP B 56 7.49 16.76 8.48
N HIS B 57 6.63 15.92 7.93
CA HIS B 57 6.53 15.83 6.49
C HIS B 57 5.20 15.17 6.11
N PRO B 58 4.07 15.80 6.41
CA PRO B 58 2.79 15.09 6.28
C PRO B 58 2.47 14.69 4.85
N THR B 59 3.09 15.29 3.84
CA THR B 59 2.84 14.88 2.45
C THR B 59 3.72 13.72 1.99
N SER B 60 4.57 13.17 2.87
CA SER B 60 5.36 12.01 2.54
C SER B 60 5.20 10.96 3.64
N LEU B 61 4.93 9.72 3.23
CA LEU B 61 4.70 8.62 4.17
C LEU B 61 5.82 7.61 4.08
N VAL B 62 6.40 7.26 5.23
CA VAL B 62 7.24 6.07 5.31
C VAL B 62 6.37 4.84 5.10
N MET B 63 6.81 3.94 4.23
CA MET B 63 6.05 2.74 3.89
C MET B 63 6.68 1.54 4.57
N LEU B 64 5.84 0.56 4.91
CA LEU B 64 6.34 -0.62 5.62
C LEU B 64 7.44 -1.33 4.82
N ASP B 65 7.28 -1.46 3.50
CA ASP B 65 8.27 -2.23 2.73
C ASP B 65 9.59 -1.50 2.59
N GLU B 66 9.58 -0.17 2.69
CA GLU B 66 10.85 0.58 2.79
C GLU B 66 11.61 0.17 4.05
N LEU B 67 10.91 0.08 5.19
CA LEU B 67 11.57 -0.37 6.42
C LEU B 67 12.04 -1.81 6.27
N GLU B 68 11.18 -2.67 5.72
CA GLU B 68 11.58 -4.05 5.43
C GLU B 68 12.86 -4.10 4.59
N GLU B 69 12.93 -3.32 3.51
CA GLU B 69 14.12 -3.39 2.67
C GLU B 69 15.34 -2.83 3.40
N GLU B 70 15.16 -1.77 4.19
CA GLU B 70 16.27 -1.22 4.95
C GLU B 70 16.86 -2.25 5.92
N PHE B 71 16.02 -2.99 6.63
CA PHE B 71 16.56 -3.97 7.57
C PHE B 71 17.19 -5.17 6.88
N ASP B 72 16.77 -5.47 5.64
CA ASP B 72 17.35 -6.57 4.86
C ASP B 72 18.59 -6.14 4.06
N ASP B 73 18.98 -4.89 4.13
CA ASP B 73 20.14 -4.41 3.36
C ASP B 73 21.42 -4.90 4.00
N ASP B 74 22.25 -5.59 3.21
CA ASP B 74 23.50 -6.14 3.73
C ASP B 74 24.47 -5.06 4.21
N ASP B 75 24.34 -3.82 3.72
CA ASP B 75 25.18 -2.73 4.21
C ASP B 75 24.78 -2.25 5.61
N PHE B 76 23.62 -2.63 6.10
CA PHE B 76 23.09 -2.15 7.37
C PHE B 76 23.22 -3.27 8.40
N ASP B 77 23.99 -3.03 9.46
CA ASP B 77 24.04 -3.97 10.57
C ASP B 77 23.27 -3.34 11.72
N PRO B 78 22.02 -3.77 11.96
CA PRO B 78 21.22 -3.07 12.98
C PRO B 78 21.78 -3.17 14.38
N ALA B 79 22.60 -4.18 14.67
CA ALA B 79 23.20 -4.29 16.00
C ALA B 79 24.20 -3.16 16.24
N LEU B 80 24.88 -2.70 15.18
CA LEU B 80 25.85 -1.62 15.33
C LEU B 80 25.37 -0.29 14.77
N ASP B 81 24.38 -0.31 13.88
CA ASP B 81 23.99 0.87 13.11
C ASP B 81 22.63 1.44 13.53
N SER B 82 22.01 0.90 14.58
CA SER B 82 20.71 1.42 14.97
C SER B 82 20.59 1.47 16.48
N VAL B 83 19.74 2.39 16.95
CA VAL B 83 19.31 2.44 18.35
C VAL B 83 17.83 2.75 18.35
N ILE B 84 17.14 2.24 19.36
CA ILE B 84 15.71 2.49 19.53
C ILE B 84 15.45 2.73 21.01
N ALA B 85 14.50 3.61 21.32
CA ALA B 85 14.14 3.92 22.69
C ALA B 85 12.70 3.50 22.96
N VAL B 86 12.48 2.78 24.06
CA VAL B 86 11.15 2.27 24.40
C VAL B 86 10.77 2.81 25.77
N ASP B 87 9.53 3.25 25.93
CA ASP B 87 9.09 3.84 27.18
C ASP B 87 8.62 2.78 28.17
N SER B 88 8.27 3.23 29.39
CA SER B 88 7.94 2.31 30.48
C SER B 88 6.77 1.41 30.12
N LEU B 89 5.89 1.85 29.24
CA LEU B 89 4.78 1.05 28.76
C LEU B 89 5.11 0.30 27.50
N GLY B 90 6.39 0.24 27.12
CA GLY B 90 6.82 -0.53 25.97
C GLY B 90 6.55 0.09 24.62
N ARG B 91 6.24 1.40 24.56
CA ARG B 91 6.04 2.08 23.29
C ARG B 91 7.35 2.66 22.76
N VAL B 92 7.50 2.64 21.44
CA VAL B 92 8.71 3.14 20.79
C VAL B 92 8.64 4.65 20.68
N VAL B 93 9.61 5.33 21.29
CA VAL B 93 9.58 6.79 21.28
C VAL B 93 10.71 7.44 20.48
N ALA B 94 11.78 6.71 20.15
CA ALA B 94 12.85 7.30 19.36
C ALA B 94 13.58 6.20 18.60
N PHE B 95 14.22 6.60 17.52
CA PHE B 95 15.01 5.68 16.72
C PHE B 95 16.07 6.51 16.03
N GLY B 96 17.26 5.94 15.87
CA GLY B 96 18.28 6.53 15.03
C GLY B 96 19.05 5.45 14.32
N SER B 97 19.49 5.76 13.10
CA SER B 97 20.43 4.90 12.42
C SER B 97 21.55 5.73 11.82
N ALA B 98 22.65 5.05 11.54
CA ALA B 98 23.80 5.63 10.87
C ALA B 98 24.28 4.57 9.91
N THR B 99 24.10 4.82 8.61
CA THR B 99 24.31 3.79 7.60
C THR B 99 25.22 4.30 6.49
N VAL B 100 26.06 3.40 6.01
CA VAL B 100 26.99 3.75 4.96
C VAL B 100 26.97 2.62 3.93
N LYS B 101 27.15 2.99 2.67
CA LYS B 101 27.25 2.01 1.61
C LYS B 101 28.68 1.49 1.49
N SER B 102 28.89 0.52 0.63
CA SER B 102 30.20 -0.12 0.57
C SER B 102 31.16 0.52 -0.41
N ALA B 103 30.67 1.30 -1.36
CA ALA B 103 31.50 1.87 -2.41
C ALA B 103 31.21 3.36 -2.53
N HIS B 104 32.27 4.14 -2.69
CA HIS B 104 32.19 5.59 -2.67
C HIS B 104 32.96 6.17 -3.85
N GLU B 105 32.38 7.19 -4.48
CA GLU B 105 32.96 7.77 -5.68
C GLU B 105 33.56 9.15 -5.42
N THR B 106 32.76 10.13 -5.02
CA THR B 106 33.26 11.48 -4.77
C THR B 106 33.14 11.90 -3.32
N VAL B 107 32.30 11.23 -2.55
CA VAL B 107 32.09 11.56 -1.14
C VAL B 107 31.81 10.25 -0.42
N VAL B 108 32.19 10.18 0.86
CA VAL B 108 31.77 9.10 1.74
C VAL B 108 30.53 9.59 2.47
N TRP B 109 29.36 9.17 2.01
CA TRP B 109 28.08 9.68 2.50
C TRP B 109 27.58 8.73 3.60
N VAL B 110 27.32 9.27 4.78
CA VAL B 110 26.73 8.52 5.89
C VAL B 110 25.34 9.08 6.15
N ALA B 111 24.32 8.23 6.00
CA ALA B 111 22.94 8.63 6.25
C ALA B 111 22.64 8.55 7.74
N LEU B 112 22.31 9.70 8.35
CA LEU B 112 21.85 9.75 9.74
C LEU B 112 20.34 9.97 9.70
N ASP B 113 19.58 8.88 9.82
CA ASP B 113 18.13 8.92 9.80
C ASP B 113 17.59 8.58 11.18
N GLY B 114 16.67 9.39 11.69
CA GLY B 114 16.03 9.06 12.95
C GLY B 114 14.96 10.08 13.27
N THR B 115 14.24 9.84 14.37
CA THR B 115 13.21 10.78 14.78
C THR B 115 12.87 10.51 16.26
N VAL B 116 12.16 11.46 16.85
CA VAL B 116 11.61 11.34 18.19
C VAL B 116 10.10 11.52 18.10
N HIS B 117 9.36 10.72 18.85
CA HIS B 117 7.92 10.84 18.81
C HIS B 117 7.52 12.27 19.20
N PRO B 118 6.57 12.88 18.48
CA PRO B 118 6.15 14.25 18.81
C PRO B 118 5.81 14.47 20.26
N GLU B 119 5.24 13.47 20.95
CA GLU B 119 4.86 13.68 22.34
C GLU B 119 6.06 13.72 23.28
N ARG B 120 7.25 13.34 22.82
CA ARG B 120 8.44 13.23 23.66
C ARG B 120 9.55 14.18 23.23
N ARG B 121 9.23 15.19 22.41
CA ARG B 121 10.22 16.16 21.95
C ARG B 121 10.43 17.24 23.02
N GLY B 122 11.57 17.93 22.93
CA GLY B 122 11.91 18.94 23.91
C GLY B 122 12.42 18.43 25.25
N GLU B 123 12.84 17.17 25.31
CA GLU B 123 13.41 16.59 26.51
C GLU B 123 14.90 16.27 26.39
N GLY B 124 15.55 16.60 25.27
CA GLY B 124 16.91 16.17 25.03
C GLY B 124 17.04 14.84 24.32
N ILE B 125 15.93 14.20 23.94
CA ILE B 125 16.04 12.87 23.34
C ILE B 125 16.64 12.98 21.94
N GLY B 126 16.20 13.96 21.16
CA GLY B 126 16.80 14.19 19.85
C GLY B 126 18.30 14.43 19.90
N SER B 127 18.75 15.23 20.88
CA SER B 127 20.18 15.44 21.07
C SER B 127 20.90 14.12 21.33
N SER B 128 20.33 13.27 22.19
CA SER B 128 20.94 11.96 22.48
C SER B 128 21.04 11.10 21.24
N VAL B 129 19.98 11.04 20.45
CA VAL B 129 19.99 10.26 19.23
C VAL B 129 21.09 10.75 18.29
N LEU B 130 21.15 12.07 18.06
CA LEU B 130 22.09 12.57 17.07
C LEU B 130 23.53 12.43 17.56
N ARG B 131 23.75 12.59 18.87
CA ARG B 131 25.07 12.35 19.44
C ARG B 131 25.51 10.92 19.14
N TRP B 132 24.62 9.95 19.35
CA TRP B 132 24.95 8.56 19.04
C TRP B 132 25.17 8.38 17.55
N GLN B 133 24.27 8.93 16.73
CA GLN B 133 24.38 8.78 15.28
C GLN B 133 25.72 9.28 14.77
N GLU B 134 26.18 10.41 15.30
CA GLU B 134 27.43 10.97 14.84
C GLU B 134 28.62 10.12 15.27
N GLN B 135 28.60 9.62 16.52
CA GLN B 135 29.67 8.74 16.98
C GLN B 135 29.81 7.53 16.05
N ARG B 136 28.68 6.88 15.72
CA ARG B 136 28.75 5.73 14.83
C ARG B 136 29.12 6.16 13.42
N GLY B 137 28.63 7.32 12.98
CA GLY B 137 28.99 7.84 11.68
C GLY B 137 30.48 8.14 11.54
N LEU B 138 31.12 8.56 12.63
CA LEU B 138 32.57 8.75 12.60
C LEU B 138 33.29 7.43 12.39
N GLN B 139 32.85 6.37 13.06
CA GLN B 139 33.45 5.06 12.81
C GLN B 139 33.26 4.65 11.35
N HIS B 140 32.06 4.86 10.80
CA HIS B 140 31.83 4.61 9.38
C HIS B 140 32.85 5.34 8.50
N LEU B 141 32.99 6.64 8.70
CA LEU B 141 33.99 7.40 7.95
C LEU B 141 35.40 6.82 8.13
N ALA B 142 35.82 6.62 9.38
CA ALA B 142 37.15 6.08 9.61
C ALA B 142 37.32 4.71 8.95
N GLU B 143 36.35 3.82 9.13
CA GLU B 143 36.48 2.47 8.59
C GLU B 143 36.52 2.46 7.06
N SER B 144 35.89 3.43 6.40
CA SER B 144 35.89 3.42 4.93
C SER B 144 37.31 3.53 4.38
N ASP B 145 38.19 4.21 5.11
CA ASP B 145 39.59 4.36 4.71
C ASP B 145 39.72 4.93 3.30
N GLU B 146 38.96 5.99 3.05
CA GLU B 146 38.97 6.70 1.77
C GLU B 146 39.59 8.07 1.97
N CYS B 147 40.19 8.60 0.91
CA CYS B 147 40.69 9.98 0.90
C CYS B 147 39.73 10.90 0.15
N LEU B 148 38.46 10.85 0.56
CA LEU B 148 37.39 11.67 0.01
C LEU B 148 36.80 12.53 1.12
N PRO B 149 36.02 13.55 0.79
CA PRO B 149 35.22 14.22 1.82
C PRO B 149 34.31 13.21 2.51
N GLY B 150 34.12 13.41 3.81
CA GLY B 150 33.18 12.61 4.57
C GLY B 150 32.01 13.45 5.02
N TRP B 151 30.79 13.04 4.64
CA TRP B 151 29.58 13.81 4.91
C TRP B 151 28.63 12.98 5.75
N LEU B 152 28.25 13.53 6.91
CA LEU B 152 27.18 12.99 7.73
C LEU B 152 25.94 13.81 7.42
N ALA B 153 24.88 13.15 6.95
CA ALA B 153 23.81 13.84 6.25
C ALA B 153 22.43 13.47 6.80
N SER B 154 21.58 14.48 6.91
CA SER B 154 20.16 14.32 7.11
C SER B 154 19.47 15.34 6.22
N SER B 155 18.19 15.57 6.45
CA SER B 155 17.46 16.59 5.70
C SER B 155 16.18 16.91 6.44
N ALA B 156 15.51 17.99 6.04
CA ALA B 156 14.24 18.36 6.63
C ALA B 156 13.48 19.23 5.65
N GLU B 157 12.15 19.13 5.71
CA GLU B 157 11.31 20.09 4.99
C GLU B 157 11.44 21.46 5.65
N GLU B 158 11.20 22.52 4.87
CA GLU B 158 11.45 23.88 5.37
C GLU B 158 10.68 24.18 6.65
N HIS B 159 9.46 23.67 6.79
CA HIS B 159 8.64 24.01 7.96
C HIS B 159 9.07 23.27 9.22
N ALA B 160 9.88 22.21 9.10
CA ALA B 160 10.24 21.35 10.23
C ALA B 160 11.40 21.96 11.02
N VAL B 161 11.14 23.13 11.59
CA VAL B 161 12.20 23.90 12.22
C VAL B 161 12.77 23.19 13.43
N TRP B 162 11.97 22.37 14.10
CA TRP B 162 12.47 21.59 15.22
C TRP B 162 13.58 20.62 14.78
N THR B 163 13.41 19.96 13.63
CA THR B 163 14.48 19.12 13.11
C THR B 163 15.69 19.98 12.70
N ILE B 164 15.42 21.03 11.92
CA ILE B 164 16.48 21.93 11.47
C ILE B 164 17.26 22.45 12.65
N GLU B 165 16.57 22.87 13.71
CA GLU B 165 17.27 23.45 14.86
C GLU B 165 18.18 22.43 15.54
N LEU B 166 17.71 21.19 15.67
CA LEU B 166 18.56 20.15 16.27
C LEU B 166 19.88 20.06 15.51
N PHE B 167 19.81 20.04 14.17
CA PHE B 167 21.01 19.88 13.35
C PHE B 167 21.88 21.15 13.37
N HIS B 168 21.27 22.32 13.23
CA HIS B 168 22.02 23.57 13.35
C HIS B 168 22.71 23.72 14.70
N ARG B 169 22.15 23.16 15.76
CA ARG B 169 22.77 23.26 17.08
C ARG B 169 23.94 22.30 17.25
N ASN B 170 24.22 21.46 16.27
CA ASN B 170 25.22 20.42 16.44
C ASN B 170 26.27 20.45 15.35
N GLY B 171 26.39 21.57 14.67
CA GLY B 171 27.46 21.76 13.73
C GLY B 171 27.13 21.38 12.32
N TYR B 172 25.88 21.05 12.01
CA TYR B 172 25.44 20.72 10.66
C TYR B 172 25.02 21.99 9.94
N GLU B 173 25.24 22.03 8.64
CA GLU B 173 24.87 23.20 7.84
C GLU B 173 23.81 22.84 6.83
N SER B 174 23.00 23.83 6.50
CA SER B 174 22.07 23.77 5.37
C SER B 174 22.88 23.99 4.11
N VAL B 175 23.12 22.93 3.34
CA VAL B 175 24.06 22.97 2.23
C VAL B 175 23.42 22.84 0.86
N ARG B 176 22.18 22.36 0.78
CA ARG B 176 21.52 22.20 -0.51
C ARG B 176 20.02 22.36 -0.30
N TRP B 177 19.34 22.91 -1.31
CA TRP B 177 17.90 23.17 -1.24
C TRP B 177 17.19 22.46 -2.38
N TRP B 178 15.98 21.95 -2.09
CA TRP B 178 15.22 21.14 -3.03
C TRP B 178 13.82 21.71 -3.15
N HIS B 179 13.33 21.87 -4.40
CA HIS B 179 11.93 22.24 -4.63
C HIS B 179 11.13 20.95 -4.83
N GLU B 180 9.96 20.87 -4.21
CA GLU B 180 8.92 19.98 -4.72
C GLU B 180 8.06 20.76 -5.70
N LEU B 181 7.90 20.23 -6.92
CA LEU B 181 7.09 20.85 -7.96
C LEU B 181 5.92 19.96 -8.34
N GLU B 182 4.82 20.58 -8.79
CA GLU B 182 3.67 19.83 -9.25
CA GLU B 182 3.63 19.88 -9.23
C GLU B 182 3.25 20.36 -10.61
N ARG B 183 2.65 19.46 -11.40
CA ARG B 183 2.18 19.76 -12.75
C ARG B 183 0.74 19.26 -12.87
N ASP B 184 -0.16 20.12 -13.33
CA ASP B 184 -1.58 19.75 -13.46
C ASP B 184 -1.77 18.97 -14.76
N LEU B 185 -2.12 17.69 -14.66
CA LEU B 185 -2.18 16.84 -15.86
C LEU B 185 -3.41 17.13 -16.73
N ALA B 186 -4.38 17.89 -16.21
CA ALA B 186 -5.52 18.29 -17.02
C ALA B 186 -5.16 19.38 -18.03
N GLN B 187 -4.03 20.07 -17.85
N GLN B 187 -4.03 20.05 -17.85
CA GLN B 187 -3.61 21.09 -18.79
CA GLN B 187 -3.65 21.07 -18.81
C GLN B 187 -2.95 20.43 -20.00
C GLN B 187 -2.93 20.44 -19.99
N PRO B 188 -3.05 21.05 -21.17
CA PRO B 188 -2.47 20.44 -22.38
C PRO B 188 -1.03 19.99 -22.17
N ILE B 189 -0.70 18.82 -22.68
CA ILE B 189 0.65 18.27 -22.62
C ILE B 189 1.28 18.39 -24.00
N PRO B 190 2.40 19.08 -24.15
CA PRO B 190 2.98 19.25 -25.49
C PRO B 190 3.48 17.93 -26.08
N ASP B 191 3.49 17.89 -27.41
CA ASP B 191 4.15 16.80 -28.14
C ASP B 191 5.58 17.20 -28.48
N VAL B 192 6.50 16.26 -28.27
CA VAL B 192 7.92 16.47 -28.50
C VAL B 192 8.40 15.33 -29.39
N THR B 193 9.27 15.64 -30.37
CA THR B 193 9.74 14.58 -31.25
C THR B 193 11.10 14.07 -30.80
N LEU B 194 11.42 12.82 -31.22
CA LEU B 194 12.67 12.20 -30.84
C LEU B 194 13.73 12.43 -31.93
N PRO B 195 15.00 12.43 -31.57
CA PRO B 195 16.05 12.40 -32.59
C PRO B 195 15.94 11.10 -33.37
N GLU B 196 16.48 11.13 -34.59
CA GLU B 196 16.57 9.92 -35.40
C GLU B 196 17.34 8.84 -34.67
N GLY B 197 16.94 7.59 -34.88
CA GLY B 197 17.60 6.46 -34.25
C GLY B 197 17.14 6.15 -32.85
N ILE B 198 16.22 6.93 -32.28
CA ILE B 198 15.82 6.78 -30.89
C ILE B 198 14.36 6.38 -30.80
N ARG B 199 14.06 5.45 -29.89
CA ARG B 199 12.70 5.01 -29.64
C ARG B 199 12.44 5.03 -28.14
N ILE B 200 11.17 5.03 -27.77
CA ILE B 200 10.77 4.92 -26.38
C ILE B 200 10.23 3.52 -26.12
N GLU B 201 10.65 2.93 -25.00
CA GLU B 201 10.12 1.65 -24.57
C GLU B 201 9.63 1.81 -23.13
N THR B 202 8.66 0.99 -22.73
CA THR B 202 8.27 0.90 -21.33
C THR B 202 9.35 0.17 -20.54
N TYR B 203 9.67 0.70 -19.35
CA TYR B 203 10.71 0.09 -18.52
C TYR B 203 10.29 -1.33 -18.13
N GLY B 204 11.28 -2.16 -17.86
CA GLY B 204 11.05 -3.51 -17.39
C GLY B 204 12.36 -4.17 -17.05
N PRO B 205 12.32 -5.44 -16.64
CA PRO B 205 13.56 -6.09 -16.18
C PRO B 205 14.67 -6.11 -17.22
N GLU B 206 14.31 -6.27 -18.49
CA GLU B 206 15.30 -6.24 -19.55
C GLU B 206 16.02 -4.90 -19.64
N TRP B 207 15.45 -3.82 -19.11
CA TRP B 207 16.09 -2.51 -19.15
C TRP B 207 16.77 -2.12 -17.84
N SER B 208 16.75 -2.99 -16.84
CA SER B 208 17.21 -2.59 -15.51
C SER B 208 18.70 -2.26 -15.52
N GLU B 209 19.54 -3.20 -15.95
CA GLU B 209 20.98 -2.93 -15.99
C GLU B 209 21.33 -1.84 -17.00
N PRO B 210 20.82 -1.86 -18.23
CA PRO B 210 21.07 -0.72 -19.13
C PRO B 210 20.69 0.61 -18.52
N THR B 211 19.58 0.66 -17.76
CA THR B 211 19.18 1.92 -17.16
C THR B 211 20.06 2.29 -15.96
N ARG B 212 20.39 1.32 -15.10
CA ARG B 212 21.30 1.63 -14.01
C ARG B 212 22.62 2.19 -14.54
N ASP B 213 23.11 1.66 -15.67
CA ASP B 213 24.34 2.18 -16.24
C ASP B 213 24.15 3.62 -16.70
N ALA B 214 23.09 3.88 -17.45
CA ALA B 214 22.78 5.24 -17.89
C ALA B 214 22.65 6.19 -16.71
N HIS B 215 21.92 5.76 -15.68
CA HIS B 215 21.69 6.60 -14.51
C HIS B 215 23.00 6.96 -13.81
N ASN B 216 23.88 5.97 -13.61
CA ASN B 216 25.11 6.23 -12.87
C ASN B 216 26.04 7.17 -13.62
N GLU B 217 26.02 7.12 -14.96
CA GLU B 217 26.75 8.12 -15.73
C GLU B 217 26.08 9.50 -15.64
N ALA B 218 24.77 9.56 -15.91
CA ALA B 218 24.09 10.86 -15.95
C ALA B 218 24.19 11.57 -14.61
N PHE B 219 24.01 10.85 -13.52
CA PHE B 219 23.98 11.49 -12.21
C PHE B 219 25.36 11.87 -11.68
N ARG B 220 26.44 11.62 -12.44
CA ARG B 220 27.69 12.28 -12.11
C ARG B 220 27.54 13.79 -12.11
N ASP B 221 26.55 14.33 -12.82
CA ASP B 221 26.33 15.76 -12.89
C ASP B 221 25.23 16.25 -11.94
N HIS B 222 24.76 15.39 -11.05
CA HIS B 222 23.82 15.75 -10.00
C HIS B 222 24.58 15.86 -8.68
N TRP B 223 24.19 16.83 -7.86
CA TRP B 223 24.88 17.07 -6.60
C TRP B 223 24.74 15.89 -5.64
N GLY B 224 25.85 15.54 -4.99
CA GLY B 224 25.83 14.56 -3.91
C GLY B 224 25.79 13.11 -4.36
N SER B 225 25.16 12.86 -5.50
CA SER B 225 24.83 11.49 -5.90
C SER B 225 26.08 10.64 -6.08
N GLN B 226 25.98 9.39 -5.63
CA GLN B 226 27.00 8.38 -5.83
C GLN B 226 26.39 7.28 -6.68
N PRO B 227 27.20 6.48 -7.37
CA PRO B 227 26.64 5.42 -8.21
C PRO B 227 25.82 4.43 -7.38
N GLU B 228 24.73 3.95 -7.98
CA GLU B 228 23.82 3.04 -7.31
C GLU B 228 24.22 1.61 -7.62
N ALA B 229 24.46 0.82 -6.57
CA ALA B 229 24.84 -0.57 -6.76
C ALA B 229 23.64 -1.37 -7.23
N ARG B 230 23.91 -2.47 -7.94
CA ARG B 230 22.84 -3.28 -8.49
C ARG B 230 21.84 -3.72 -7.42
N GLU B 231 22.34 -4.11 -6.24
CA GLU B 231 21.42 -4.62 -5.22
C GLU B 231 20.50 -3.53 -4.71
N ASP B 232 21.01 -2.30 -4.57
CA ASP B 232 20.18 -1.20 -4.11
C ASP B 232 19.22 -0.75 -5.20
N TRP B 233 19.71 -0.70 -6.43
CA TRP B 233 18.84 -0.45 -7.58
C TRP B 233 17.68 -1.45 -7.61
N GLU B 234 17.98 -2.74 -7.47
CA GLU B 234 16.93 -3.74 -7.59
C GLU B 234 15.99 -3.70 -6.38
N ALA B 235 16.52 -3.43 -5.19
CA ALA B 235 15.67 -3.33 -4.01
C ALA B 235 14.67 -2.18 -4.14
N ALA B 236 15.14 -1.02 -4.60
CA ALA B 236 14.24 0.11 -4.82
C ALA B 236 13.05 -0.27 -5.71
N HIS B 237 13.25 -1.16 -6.68
CA HIS B 237 12.20 -1.48 -7.63
C HIS B 237 11.32 -2.65 -7.19
N ARG B 238 11.61 -3.25 -6.03
CA ARG B 238 10.65 -4.15 -5.41
C ARG B 238 9.60 -3.42 -4.58
N LEU B 239 9.86 -2.15 -4.22
CA LEU B 239 8.93 -1.42 -3.37
C LEU B 239 7.59 -1.27 -4.08
N SER B 240 6.50 -1.39 -3.30
CA SER B 240 5.16 -1.34 -3.88
C SER B 240 4.89 -0.05 -4.63
N ALA B 241 5.55 1.06 -4.25
CA ALA B 241 5.27 2.33 -4.92
C ALA B 241 5.82 2.39 -6.35
N PHE B 242 6.86 1.62 -6.67
CA PHE B 242 7.46 1.72 -8.00
C PHE B 242 6.50 1.19 -9.06
N ARG B 243 6.34 1.97 -10.13
CA ARG B 243 5.42 1.61 -11.20
C ARG B 243 6.25 1.43 -12.48
N ALA B 244 6.64 0.19 -12.75
CA ALA B 244 7.42 -0.11 -13.95
C ALA B 244 6.71 0.36 -15.21
N ASP B 245 5.40 0.14 -15.31
CA ASP B 245 4.69 0.45 -16.54
C ASP B 245 4.33 1.94 -16.68
N LEU B 246 4.73 2.77 -15.70
CA LEU B 246 4.70 4.22 -15.81
C LEU B 246 6.10 4.81 -15.92
N SER B 247 7.09 3.96 -16.23
CA SER B 247 8.48 4.34 -16.36
C SER B 247 8.93 3.99 -17.78
N PHE B 248 9.85 4.79 -18.32
CA PHE B 248 10.14 4.76 -19.75
C PHE B 248 11.63 4.99 -19.98
N VAL B 249 12.12 4.41 -21.07
CA VAL B 249 13.50 4.60 -21.50
C VAL B 249 13.52 5.04 -22.96
N ALA B 250 14.48 5.89 -23.29
CA ALA B 250 14.75 6.21 -24.67
C ALA B 250 15.95 5.37 -25.05
N VAL B 251 15.81 4.60 -26.12
CA VAL B 251 16.79 3.59 -26.49
C VAL B 251 17.38 3.99 -27.83
N ALA B 252 18.70 4.04 -27.90
CA ALA B 252 19.41 4.32 -29.13
C ALA B 252 20.04 3.03 -29.63
N ARG B 253 19.99 2.83 -30.95
CA ARG B 253 20.66 1.71 -31.61
C ARG B 253 22.09 2.11 -31.97
N ASP B 254 22.81 2.56 -30.95
CA ASP B 254 24.14 3.12 -31.06
C ASP B 254 25.13 2.08 -30.57
N ALA B 255 26.22 1.88 -31.31
CA ALA B 255 27.22 0.86 -30.99
C ALA B 255 27.41 0.66 -29.49
N GLY B 257 25.25 -1.75 -33.31
CA GLY B 257 23.90 -2.24 -33.52
C GLY B 257 23.27 -2.67 -32.21
N GLN B 258 23.94 -2.33 -31.11
CA GLN B 258 23.49 -2.70 -29.77
C GLN B 258 22.62 -1.59 -29.18
N ASP B 259 21.59 -2.00 -28.45
CA ASP B 259 20.72 -1.06 -27.76
C ASP B 259 21.41 -0.50 -26.53
N ILE B 260 21.29 0.82 -26.35
CA ILE B 260 21.71 1.44 -25.11
C ILE B 260 20.64 2.42 -24.65
N VAL B 261 20.51 2.55 -23.33
CA VAL B 261 19.61 3.53 -22.73
C VAL B 261 20.33 4.88 -22.71
N VAL B 262 19.77 5.85 -23.40
CA VAL B 262 20.33 7.20 -23.40
C VAL B 262 19.53 8.17 -22.54
N ALA B 263 18.31 7.83 -22.16
CA ALA B 263 17.54 8.65 -21.23
C ALA B 263 16.52 7.75 -20.54
N TYR B 264 16.10 8.15 -19.34
CA TYR B 264 15.20 7.30 -18.57
C TYR B 264 14.40 8.16 -17.62
N LEU B 265 13.20 7.66 -17.28
CA LEU B 265 12.33 8.31 -16.32
C LEU B 265 11.67 7.18 -15.53
N LEU B 266 11.89 7.13 -14.22
CA LEU B 266 11.30 6.12 -13.37
C LEU B 266 10.25 6.77 -12.45
N SER B 267 9.11 6.09 -12.28
CA SER B 267 7.92 6.65 -11.63
C SER B 267 7.45 5.80 -10.47
N ASP B 268 6.86 6.47 -9.46
CA ASP B 268 6.15 5.82 -8.36
C ASP B 268 4.69 6.27 -8.36
N VAL B 269 3.82 5.41 -7.82
CA VAL B 269 2.48 5.82 -7.38
C VAL B 269 2.29 5.36 -5.93
N ASN B 270 2.03 6.31 -5.02
CA ASN B 270 1.76 6.00 -3.62
C ASN B 270 0.42 6.63 -3.27
N GLU B 271 -0.65 5.87 -3.48
CA GLU B 271 -2.00 6.37 -3.27
C GLU B 271 -2.23 6.79 -1.82
N GLU B 272 -1.47 6.23 -0.85
CA GLU B 272 -1.65 6.64 0.54
C GLU B 272 -1.24 8.09 0.79
N GLU B 273 -0.39 8.66 -0.06
CA GLU B 273 -0.01 10.07 0.06
C GLU B 273 -1.00 11.02 -0.61
N TRP B 274 -1.98 10.51 -1.35
CA TRP B 274 -2.86 11.38 -2.15
C TRP B 274 -3.64 12.36 -1.27
N GLU B 275 -4.21 11.88 -0.17
CA GLU B 275 -5.06 12.72 0.67
C GLU B 275 -4.30 13.94 1.19
N ALA B 276 -3.12 13.73 1.76
CA ALA B 276 -2.37 14.83 2.34
C ALA B 276 -1.84 15.78 1.27
N ASN B 277 -1.53 15.26 0.08
CA ASN B 277 -1.03 16.12 -0.98
C ASN B 277 -2.15 16.92 -1.66
N GLY B 278 -3.39 16.50 -1.51
CA GLY B 278 -4.51 17.21 -2.10
C GLY B 278 -4.94 16.71 -3.46
N TYR B 279 -4.32 15.66 -3.99
CA TYR B 279 -4.65 15.18 -5.33
C TYR B 279 -4.02 13.80 -5.50
N SER B 280 -4.56 13.04 -6.45
CA SER B 280 -3.85 11.84 -6.87
C SER B 280 -2.69 12.25 -7.75
N PHE B 281 -1.59 11.49 -7.67
CA PHE B 281 -0.44 11.91 -8.47
C PHE B 281 0.48 10.74 -8.78
N GLY B 282 1.20 10.86 -9.89
CA GLY B 282 2.40 10.08 -10.13
C GLY B 282 3.61 10.90 -9.74
N PHE B 283 4.63 10.23 -9.22
CA PHE B 283 5.84 10.90 -8.72
C PHE B 283 7.00 10.53 -9.64
N VAL B 284 7.70 11.54 -10.17
CA VAL B 284 8.88 11.29 -11.00
C VAL B 284 10.06 11.08 -10.07
N ASP B 285 10.43 9.81 -9.86
CA ASP B 285 11.50 9.49 -8.94
C ASP B 285 12.87 9.80 -9.54
N LEU B 286 13.11 9.43 -10.80
CA LEU B 286 14.42 9.66 -11.41
C LEU B 286 14.22 10.05 -12.87
N LEU B 287 14.99 11.04 -13.31
CA LEU B 287 14.99 11.49 -14.71
C LEU B 287 16.42 11.89 -15.04
N GLY B 288 16.95 11.30 -16.10
CA GLY B 288 18.32 11.59 -16.50
C GLY B 288 18.53 11.32 -17.97
N VAL B 289 19.48 12.04 -18.55
CA VAL B 289 19.89 11.88 -19.93
C VAL B 289 21.41 11.80 -19.98
N ARG B 290 21.94 10.85 -20.75
CA ARG B 290 23.39 10.72 -20.87
C ARG B 290 23.99 12.02 -21.42
N ARG B 291 25.16 12.38 -20.90
CA ARG B 291 25.77 13.67 -21.21
C ARG B 291 25.78 13.95 -22.71
N ASP B 292 26.25 13.00 -23.51
CA ASP B 292 26.41 13.19 -24.96
C ASP B 292 25.08 13.32 -25.69
N TRP B 293 23.96 13.01 -25.06
CA TRP B 293 22.65 13.09 -25.69
C TRP B 293 21.81 14.26 -25.18
N ARG B 294 22.40 15.17 -24.41
CA ARG B 294 21.65 16.25 -23.80
C ARG B 294 21.40 17.37 -24.81
N GLY B 295 20.41 18.20 -24.51
CA GLY B 295 20.06 19.28 -25.41
C GLY B 295 19.31 18.86 -26.67
N ARG B 296 18.71 17.67 -26.67
CA ARG B 296 17.97 17.19 -27.83
C ARG B 296 16.52 16.88 -27.49
N LYS B 297 16.00 17.45 -26.39
CA LYS B 297 14.64 17.32 -25.92
C LYS B 297 14.30 15.93 -25.40
N LEU B 298 15.29 15.07 -25.15
CA LEU B 298 14.97 13.74 -24.65
C LEU B 298 14.27 13.80 -23.30
N ALA B 299 14.72 14.68 -22.40
CA ALA B 299 14.06 14.73 -21.10
C ALA B 299 12.61 15.19 -21.22
N GLN B 300 12.37 16.19 -22.08
CA GLN B 300 11.01 16.65 -22.35
C GLN B 300 10.18 15.57 -23.02
N ALA B 301 10.77 14.82 -23.96
CA ALA B 301 10.03 13.72 -24.60
C ALA B 301 9.60 12.69 -23.56
N LEU B 302 10.50 12.31 -22.64
CA LEU B 302 10.13 11.31 -21.64
C LEU B 302 9.13 11.86 -20.64
N LEU B 303 9.34 13.10 -20.18
N LEU B 303 9.36 13.09 -20.17
CA LEU B 303 8.44 13.65 -19.17
CA LEU B 303 8.45 13.67 -19.19
C LEU B 303 7.04 13.82 -19.73
C LEU B 303 7.03 13.79 -19.75
N THR B 304 6.91 14.27 -20.99
CA THR B 304 5.59 14.41 -21.58
C THR B 304 4.94 13.05 -21.81
N HIS B 305 5.74 12.05 -22.22
CA HIS B 305 5.20 10.70 -22.37
C HIS B 305 4.71 10.14 -21.05
N ALA B 306 5.45 10.38 -19.96
CA ALA B 306 5.02 9.89 -18.65
C ALA B 306 3.76 10.64 -18.18
N MET B 307 3.72 11.95 -18.36
CA MET B 307 2.55 12.73 -17.97
C MET B 307 1.30 12.24 -18.71
N ARG B 308 1.42 11.95 -20.02
CA ARG B 308 0.28 11.37 -20.72
C ARG B 308 -0.12 10.04 -20.08
N ALA B 309 0.87 9.23 -19.71
CA ALA B 309 0.58 7.94 -19.11
C ALA B 309 -0.07 8.11 -17.75
N TYR B 310 0.44 9.01 -16.90
CA TYR B 310 -0.24 9.29 -15.64
C TYR B 310 -1.67 9.72 -15.90
N ARG B 311 -1.86 10.63 -16.87
CA ARG B 311 -3.19 11.15 -17.14
C ARG B 311 -4.13 10.02 -17.54
N HIS B 312 -3.63 9.09 -18.38
CA HIS B 312 -4.48 8.03 -18.90
C HIS B 312 -4.98 7.12 -17.78
N GLU B 313 -4.27 7.03 -16.67
CA GLU B 313 -4.71 6.26 -15.52
C GLU B 313 -5.66 7.01 -14.61
N GLY B 314 -5.94 8.28 -14.91
CA GLY B 314 -6.82 9.07 -14.09
C GLY B 314 -6.14 9.83 -12.97
N LEU B 315 -4.81 9.85 -12.94
CA LEU B 315 -4.08 10.65 -11.95
C LEU B 315 -4.21 12.13 -12.29
N GLN B 316 -4.32 12.97 -11.25
CA GLN B 316 -4.53 14.40 -11.42
C GLN B 316 -3.24 15.21 -11.61
N ARG B 317 -2.14 14.81 -10.98
CA ARG B 317 -0.92 15.61 -11.02
C ARG B 317 0.29 14.73 -11.24
N ALA B 318 1.39 15.37 -11.65
CA ALA B 318 2.73 14.81 -11.52
C ALA B 318 3.45 15.63 -10.47
N VAL B 319 4.27 14.97 -9.65
CA VAL B 319 5.00 15.62 -8.58
C VAL B 319 6.44 15.13 -8.65
N LEU B 320 7.38 16.01 -8.31
CA LEU B 320 8.79 15.63 -8.30
C LEU B 320 9.57 16.59 -7.41
N ASP B 321 10.78 16.16 -7.06
CA ASP B 321 11.77 17.00 -6.37
C ASP B 321 12.90 17.37 -7.32
N VAL B 322 13.48 18.56 -7.09
CA VAL B 322 14.59 19.00 -7.90
C VAL B 322 15.52 19.91 -7.08
N ASP B 323 16.81 19.76 -7.34
CA ASP B 323 17.83 20.64 -6.78
C ASP B 323 17.51 22.08 -7.22
N ALA B 324 17.29 22.96 -6.25
CA ALA B 324 17.01 24.35 -6.57
C ALA B 324 18.14 24.99 -7.35
N ASP B 325 19.36 24.46 -7.22
CA ASP B 325 20.54 24.94 -7.92
C ASP B 325 21.05 23.94 -8.95
N SER B 326 20.15 23.15 -9.54
CA SER B 326 20.56 22.11 -10.48
C SER B 326 21.60 22.63 -11.45
N PRO B 327 22.81 22.06 -11.44
CA PRO B 327 23.86 22.50 -12.37
C PRO B 327 23.52 22.27 -13.83
N THR B 328 22.51 21.46 -14.14
CA THR B 328 22.16 21.19 -15.53
C THR B 328 20.83 21.81 -15.92
N GLY B 329 20.34 22.77 -15.14
CA GLY B 329 19.18 23.52 -15.56
C GLY B 329 17.87 22.80 -15.42
N ALA B 330 17.80 21.79 -14.55
CA ALA B 330 16.58 21.00 -14.43
C ALA B 330 15.40 21.85 -13.98
N VAL B 331 15.63 22.88 -13.16
CA VAL B 331 14.51 23.73 -12.74
C VAL B 331 13.84 24.38 -13.94
N ALA B 332 14.64 24.98 -14.84
CA ALA B 332 14.07 25.57 -16.05
C ALA B 332 13.34 24.53 -16.92
N LEU B 333 13.90 23.33 -17.03
CA LEU B 333 13.21 22.26 -17.74
C LEU B 333 11.79 22.05 -17.21
N TYR B 334 11.65 21.88 -15.89
CA TYR B 334 10.33 21.59 -15.35
C TYR B 334 9.41 22.78 -15.47
N GLU B 335 9.95 23.98 -15.25
CA GLU B 335 9.15 25.19 -15.39
C GLU B 335 8.53 25.28 -16.77
N GLY B 336 9.34 25.03 -17.81
CA GLY B 336 8.85 25.16 -19.18
C GLY B 336 7.80 24.14 -19.53
N LEU B 337 7.69 23.06 -18.76
CA LEU B 337 6.67 22.04 -18.95
C LEU B 337 5.48 22.20 -18.00
N GLY B 338 5.40 23.32 -17.29
CA GLY B 338 4.23 23.67 -16.50
C GLY B 338 4.28 23.29 -15.03
N PHE B 339 5.44 22.89 -14.51
CA PHE B 339 5.58 22.57 -13.09
C PHE B 339 5.66 23.85 -12.27
N SER B 340 5.11 23.80 -11.05
CA SER B 340 5.17 24.98 -10.19
C SER B 340 5.46 24.56 -8.74
N LEU B 341 5.94 25.51 -7.95
CA LEU B 341 6.50 25.20 -6.63
C LEU B 341 5.42 24.82 -5.62
N VAL B 342 5.68 23.78 -4.84
CA VAL B 342 4.79 23.31 -3.77
C VAL B 342 5.42 23.49 -2.40
N ASN B 343 6.66 23.03 -2.25
CA ASN B 343 7.30 22.88 -0.95
C ASN B 343 8.80 22.99 -1.20
N ARG B 344 9.57 23.17 -0.13
CA ARG B 344 11.02 23.17 -0.21
C ARG B 344 11.59 22.37 0.96
N SER B 345 12.71 21.69 0.70
CA SER B 345 13.44 20.88 1.68
C SER B 345 14.92 21.25 1.63
N ILE B 346 15.65 20.78 2.64
CA ILE B 346 17.03 21.22 2.89
C ILE B 346 17.86 20.01 3.24
N SER B 347 19.06 19.90 2.63
CA SER B 347 20.07 18.96 3.12
C SER B 347 20.86 19.55 4.27
N LEU B 348 21.01 18.76 5.35
CA LEU B 348 21.72 19.17 6.56
C LEU B 348 22.95 18.29 6.71
N ILE B 349 24.14 18.87 6.61
CA ILE B 349 25.35 18.08 6.47
C ILE B 349 26.48 18.62 7.33
N LYS B 350 27.27 17.69 7.87
CA LYS B 350 28.53 18.00 8.53
C LYS B 350 29.63 17.32 7.73
N GLN B 351 30.72 18.05 7.49
CA GLN B 351 31.75 17.64 6.54
C GLN B 351 33.05 17.35 7.27
N PHE B 352 33.75 16.34 6.78
CA PHE B 352 35.03 15.94 7.39
C PHE B 352 36.06 15.63 6.31
PA NDP C . -30.86 9.03 0.43
O1A NDP C . -30.60 10.48 0.64
O2A NDP C . -31.35 8.70 -0.94
O5B NDP C . -31.95 8.54 1.48
C5B NDP C . -31.64 8.72 2.84
C4B NDP C . -32.73 9.58 3.50
O4B NDP C . -32.80 10.89 2.87
C3B NDP C . -34.11 9.02 3.21
O3B NDP C . -34.53 8.12 4.24
C2B NDP C . -34.95 10.28 3.19
O2B NDP C . -35.22 10.71 4.54
C1B NDP C . -34.15 11.19 2.56
N9A NDP C . -34.40 11.21 1.12
C8A NDP C . -34.64 10.19 0.25
N7A NDP C . -34.85 10.60 -1.02
C5A NDP C . -34.74 11.95 -0.97
C6A NDP C . -34.86 12.93 -1.96
N6A NDP C . -35.13 12.60 -3.23
N1A NDP C . -34.70 14.21 -1.65
C2A NDP C . -34.45 14.50 -0.37
N3A NDP C . -34.33 13.64 0.63
C4A NDP C . -34.47 12.33 0.34
O3 NDP C . -29.60 8.10 0.74
PN NDP C . -28.04 8.56 1.03
O1N NDP C . -27.60 9.26 -0.21
O2N NDP C . -28.03 9.38 2.25
O5D NDP C . -27.19 7.17 1.30
C5D NDP C . -27.53 6.45 2.53
C4D NDP C . -26.46 5.44 2.85
O4D NDP C . -26.54 4.29 1.94
C3D NDP C . -25.07 6.05 2.58
O3D NDP C . -24.19 5.64 3.59
C2D NDP C . -24.70 5.48 1.21
O2D NDP C . -23.29 5.45 0.94
C1D NDP C . -25.28 4.08 1.32
N1N NDP C . -25.51 3.40 -0.01
C2N NDP C . -24.98 2.11 -0.27
C3N NDP C . -25.22 1.43 -1.40
C7N NDP C . -24.78 0.00 -1.54
O7N NDP C . -25.03 -0.64 -2.55
N7N NDP C . -24.09 -0.56 -0.57
C4N NDP C . -25.88 2.11 -2.56
C5N NDP C . -26.49 3.43 -2.18
C6N NDP C . -26.28 4.00 -0.99
P2B NDP C . -36.60 11.42 4.94
O1X NDP C . -37.71 10.43 4.94
O2X NDP C . -36.91 12.53 3.93
O3X NDP C . -36.48 12.03 6.29
N1A COA D . -19.54 -28.20 15.76
C2A COA D . -18.23 -28.20 15.61
N3A COA D . -17.34 -27.58 16.37
C4A COA D . -17.81 -26.87 17.42
C5A COA D . -19.19 -26.81 17.66
C6A COA D . -20.05 -27.48 16.82
N6A COA D . -21.37 -27.43 17.05
N7A COA D . -19.40 -25.99 18.83
C8A COA D . -18.19 -25.61 19.24
N9A COA D . -17.32 -26.07 18.51
C1B COA D . -15.95 -25.71 18.82
C2B COA D . -15.48 -26.35 20.13
O2B COA D . -15.14 -25.29 21.06
C3B COA D . -14.21 -27.07 19.70
O3B COA D . -13.14 -26.88 20.68
P3B COA D . -12.75 -28.00 21.75
O7A COA D . -12.27 -27.44 23.02
O8A COA D . -11.67 -28.89 21.13
O9A COA D . -13.87 -28.92 22.09
C4B COA D . -13.80 -26.43 18.40
O4B COA D . -15.05 -26.05 17.78
C5B COA D . -13.07 -27.34 17.48
O5B COA D . -11.69 -27.01 17.40
P1A COA D . -10.99 -27.66 16.13
O1A COA D . -11.03 -29.12 16.18
O2A COA D . -9.59 -27.31 15.96
O3A COA D . -11.88 -27.20 14.81
P2A COA D . -12.13 -27.95 13.40
O4A COA D . -10.87 -28.55 12.95
O5A COA D . -13.27 -28.97 13.59
O6A COA D . -12.55 -26.73 12.37
CBP COA D . -14.06 -25.10 11.48
CCP COA D . -13.63 -25.87 12.72
CDP COA D . -15.10 -24.04 11.84
CEP COA D . -12.81 -24.47 10.83
CAP COA D . -14.67 -26.14 10.52
OAP COA D . -15.88 -26.56 11.08
C9P COA D . -14.96 -25.61 9.12
O9P COA D . -14.10 -25.64 8.25
N8P COA D . -16.18 -25.12 8.86
C7P COA D . -16.52 -24.63 7.51
C6P COA D . -15.69 -23.39 7.10
C5P COA D . -15.84 -22.26 8.13
O5P COA D . -16.95 -21.94 8.57
N4P COA D . -14.71 -21.70 8.55
C3P COA D . -14.72 -20.61 9.54
C2P COA D . -14.41 -19.28 8.92
S1P COA D . -14.84 -17.99 10.12
N1A ACO E . -19.44 -28.16 15.88
C2A ACO E . -18.12 -28.01 15.79
N3A ACO E . -17.35 -27.32 16.61
C4A ACO E . -17.92 -26.70 17.65
C5A ACO E . -19.31 -26.79 17.85
C6A ACO E . -20.08 -27.56 16.92
N6A ACO E . -21.40 -27.67 17.07
N7A ACO E . -19.64 -26.07 18.98
C8A ACO E . -18.50 -25.56 19.44
N9A ACO E . -17.46 -25.95 18.65
C1B ACO E . -16.11 -25.56 18.86
C2B ACO E . -15.57 -26.05 20.21
O2B ACO E . -14.96 -24.94 20.87
C3B ACO E . -14.52 -27.05 19.76
O3B ACO E . -13.43 -27.06 20.71
P3B ACO E . -13.36 -28.23 21.79
O7A ACO E . -14.66 -29.00 21.79
O8A ACO E . -12.21 -29.15 21.46
O9A ACO E . -13.11 -27.60 23.16
C4B ACO E . -14.03 -26.48 18.46
O4B ACO E . -15.23 -25.97 17.85
C5B ACO E . -13.35 -27.50 17.53
O5B ACO E . -11.98 -27.08 17.28
P1A ACO E . -11.13 -27.76 16.04
O1A ACO E . -11.19 -29.27 16.16
O2A ACO E . -9.71 -27.25 16.05
O3A ACO E . -11.87 -27.35 14.63
P2A ACO E . -12.08 -28.21 13.25
O4A ACO E . -10.71 -28.54 12.69
O5A ACO E . -12.82 -29.48 13.51
O6A ACO E . -12.90 -27.25 12.19
CBP ACO E . -14.05 -25.24 11.50
CCP ACO E . -13.54 -26.06 12.66
CDP ACO E . -12.88 -24.45 10.90
CEP ACO E . -15.14 -24.29 11.98
CAP ACO E . -14.62 -26.23 10.47
OAP ACO E . -15.82 -26.75 10.95
C9P ACO E . -14.89 -25.57 9.11
O9P ACO E . -14.03 -25.56 8.25
N8P ACO E . -16.09 -25.03 8.92
C7P ACO E . -16.42 -24.39 7.63
C6P ACO E . -15.42 -23.23 7.35
C5P ACO E . -15.67 -22.08 8.29
O5P ACO E . -16.80 -21.85 8.71
N4P ACO E . -14.61 -21.36 8.67
C3P ACO E . -14.78 -20.23 9.59
C2P ACO E . -15.28 -18.98 8.87
S1P ACO E . -14.41 -17.49 9.44
C ACO E . -12.90 -17.35 8.54
O ACO E . -12.76 -17.88 7.51
CH3 ACO E . -11.82 -16.54 9.20
C ACT F . -12.58 -16.92 7.97
O ACT F . -12.50 -17.76 7.02
OXT ACT F . -13.67 -16.29 8.18
CH3 ACT F . -11.40 -16.71 8.84
S SO4 G . -33.71 8.61 -10.59
O1 SO4 G . -32.61 9.15 -9.80
O2 SO4 G . -33.51 8.99 -11.99
O3 SO4 G . -33.72 7.16 -10.43
O4 SO4 G . -34.98 9.17 -10.12
PA NAI H . 15.84 18.03 21.86
O1A NAI H . 14.72 17.87 22.92
O2A NAI H . 17.13 17.34 22.19
O5B NAI H . 16.07 19.57 21.53
C5B NAI H . 14.96 20.33 21.13
C4B NAI H . 14.97 21.65 21.87
O4B NAI H . 14.70 21.46 23.30
C3B NAI H . 16.34 22.32 21.81
O3B NAI H . 16.19 23.74 21.78
C2B NAI H . 16.98 21.90 23.13
O2B NAI H . 17.97 22.85 23.51
C1B NAI H . 15.78 21.91 24.08
N9A NAI H . 15.94 21.00 25.22
C8A NAI H . 16.81 19.98 25.24
N7A NAI H . 16.73 19.31 26.42
C5A NAI H . 15.75 19.96 27.16
C6A NAI H . 15.21 19.74 28.43
N6A NAI H . 15.64 18.75 29.22
N1A NAI H . 14.27 20.52 28.90
C2A NAI H . 13.85 21.51 28.09
N3A NAI H . 14.28 21.82 26.88
C4A NAI H . 15.25 21.03 26.40
O3 NAI H . 15.27 17.38 20.49
PN NAI H . 13.85 16.69 20.13
O1N NAI H . 12.81 17.67 20.58
O2N NAI H . 13.78 15.42 20.92
O5D NAI H . 13.84 16.47 18.55
C5D NAI H . 14.35 17.53 17.73
C4D NAI H . 13.88 17.25 16.29
O4D NAI H . 14.96 16.58 15.57
C3D NAI H . 12.66 16.27 16.26
O3D NAI H . 11.82 16.58 15.16
C2D NAI H . 13.36 14.94 16.07
O2D NAI H . 12.50 13.95 15.48
C1D NAI H . 14.45 15.33 15.07
N1N NAI H . 15.52 14.34 15.03
C2N NAI H . 16.14 14.01 13.77
C3N NAI H . 17.15 13.16 13.68
C7N NAI H . 17.72 12.78 12.37
O7N NAI H . 17.27 13.26 11.35
N7N NAI H . 18.73 11.93 12.34
C4N NAI H . 17.79 12.60 14.95
C5N NAI H . 16.96 12.85 16.17
C6N NAI H . 15.93 13.71 16.17
N1A COA I . 20.70 26.19 -17.63
C2A COA I . 19.52 26.73 -17.90
N3A COA I . 18.58 26.22 -18.68
C4A COA I . 18.84 25.03 -19.27
C5A COA I . 20.05 24.38 -19.05
C6A COA I . 20.98 24.98 -18.22
N6A COA I . 22.16 24.38 -17.99
N7A COA I . 20.04 23.14 -19.80
C8A COA I . 18.85 23.10 -20.42
N9A COA I . 18.19 24.09 -20.16
C1B COA I . 16.88 24.21 -20.76
C2B COA I . 16.97 24.03 -22.27
O2B COA I . 16.89 25.29 -23.00
C3B COA I . 15.71 23.24 -22.55
O3B COA I . 14.58 24.14 -22.73
P3B COA I . 14.14 24.49 -24.23
O7A COA I . 12.80 25.06 -24.32
O8A COA I . 14.28 23.20 -25.05
O9A COA I . 15.03 25.46 -24.88
C4B COA I . 15.50 22.40 -21.31
O4B COA I . 16.10 23.14 -20.23
C5B COA I . 16.12 21.03 -21.41
O5B COA I . 15.36 20.27 -22.34
P1A COA I . 15.90 18.84 -22.74
O1A COA I . 16.67 18.88 -23.98
O2A COA I . 14.82 17.88 -23.00
O3A COA I . 16.85 18.25 -21.52
P2A COA I . 18.11 17.21 -21.56
O4A COA I . 17.82 16.15 -22.53
O5A COA I . 19.34 18.04 -21.93
O6A COA I . 18.15 16.58 -20.04
CBP COA I . 18.58 16.79 -17.67
CCP COA I . 18.07 17.49 -18.95
CDP COA I . 18.43 17.77 -16.49
CEP COA I . 17.76 15.50 -17.45
CAP COA I . 20.04 16.42 -17.91
OAP COA I . 20.81 17.59 -17.90
C9P COA I . 20.61 15.45 -16.86
O9P COA I . 20.48 14.22 -17.00
N8P COA I . 21.27 15.98 -15.83
C7P COA I . 21.87 15.13 -14.78
C6P COA I . 20.79 14.37 -13.99
C5P COA I . 19.75 15.33 -13.40
O5P COA I . 20.09 16.30 -12.73
N4P COA I . 18.46 15.07 -13.66
C3P COA I . 17.40 15.95 -13.11
C2P COA I . 16.89 15.41 -11.79
S1P COA I . 15.63 16.54 -11.10
N1A ACO J . 20.57 26.18 -17.79
C2A ACO J . 19.42 26.71 -18.17
N3A ACO J . 18.50 26.15 -18.94
C4A ACO J . 18.74 24.91 -19.39
C5A ACO J . 19.93 24.25 -19.06
C6A ACO J . 20.87 24.92 -18.23
N6A ACO J . 22.03 24.32 -17.88
N7A ACO J . 19.91 23.00 -19.67
C8A ACO J . 18.76 22.92 -20.32
N9A ACO J . 18.05 24.07 -20.17
C1B ACO J . 16.78 24.31 -20.75
C2B ACO J . 16.89 24.08 -22.26
O2B ACO J . 16.90 25.31 -22.99
C3B ACO J . 15.57 23.37 -22.53
O3B ACO J . 14.51 24.33 -22.72
P3B ACO J . 14.20 24.73 -24.23
O7A ACO J . 14.24 23.50 -25.11
O8A ACO J . 12.83 25.36 -24.29
O9A ACO J . 15.25 25.73 -24.69
C4B ACO J . 15.36 22.54 -21.28
O4B ACO J . 15.88 23.37 -20.23
C5B ACO J . 16.07 21.17 -21.32
O5B ACO J . 15.60 20.45 -22.48
P1A ACO J . 16.07 18.90 -22.80
O1A ACO J . 16.83 18.89 -24.10
O2A ACO J . 14.88 17.97 -22.84
O3A ACO J . 17.06 18.35 -21.61
P2A ACO J . 18.11 17.07 -21.69
O4A ACO J . 17.47 15.94 -22.45
O5A ACO J . 19.36 17.54 -22.38
O6A ACO J . 18.42 16.61 -20.15
CBP ACO J . 18.53 16.90 -17.75
CCP ACO J . 18.04 17.47 -19.06
CDP ACO J . 17.64 15.68 -17.40
CEP ACO J . 18.43 17.99 -16.68
CAP ACO J . 19.98 16.46 -17.98
OAP ACO J . 20.78 17.59 -18.01
C9P ACO J . 20.51 15.49 -16.92
O9P ACO J . 20.41 14.26 -17.06
N8P ACO J . 21.12 16.02 -15.85
C7P ACO J . 21.70 15.20 -14.78
C6P ACO J . 20.60 14.35 -14.06
C5P ACO J . 19.66 15.26 -13.32
O5P ACO J . 20.07 16.21 -12.66
N4P ACO J . 18.35 14.99 -13.42
C3P ACO J . 17.36 15.83 -12.72
C2P ACO J . 17.16 15.42 -11.26
S1P ACO J . 15.45 15.67 -10.70
C ACO J . 14.72 14.07 -10.77
O ACO J . 15.38 13.12 -10.93
CH3 ACO J . 13.23 14.02 -10.62
C ACT K . 14.73 13.43 -10.36
O ACT K . 14.98 14.31 -9.47
OXT ACT K . 15.60 12.56 -10.68
CH3 ACT K . 13.42 13.42 -11.06
N1 EPE L . 3.72 26.94 -19.37
C2 EPE L . 3.20 28.18 -19.79
C3 EPE L . 3.27 29.17 -18.68
N4 EPE L . 4.67 29.31 -18.12
C5 EPE L . 5.39 28.02 -18.04
C6 EPE L . 5.13 27.08 -19.22
C7 EPE L . 5.43 30.42 -18.79
C8 EPE L . 5.16 30.51 -20.31
O8 EPE L . 6.08 29.62 -20.92
C9 EPE L . 3.37 25.95 -20.39
C10 EPE L . 3.77 24.50 -20.11
S EPE L . 3.60 23.28 -21.37
O1S EPE L . 4.60 23.61 -22.37
O2S EPE L . 3.89 22.00 -20.73
O3S EPE L . 2.28 23.41 -21.88
S SO4 M . -3.89 17.61 -24.78
O1 SO4 M . -2.73 17.34 -23.93
O2 SO4 M . -3.54 18.64 -25.74
O3 SO4 M . -4.28 16.38 -25.50
O4 SO4 M . -5.01 18.09 -23.99
#